data_4LXZ
#
_entry.id   4LXZ
#
_cell.length_a   91.967
_cell.length_b   97.603
_cell.length_c   138.833
_cell.angle_alpha   90.00
_cell.angle_beta   90.00
_cell.angle_gamma   90.00
#
_symmetry.space_group_name_H-M   'P 21 21 21'
#
loop_
_entity.id
_entity.type
_entity.pdbx_description
1 polymer 'Histone deacetylase 2'
2 non-polymer 'ZINC ION'
3 non-polymer 'CALCIUM ION'
4 non-polymer 'SODIUM ION'
5 non-polymer 'TETRAETHYLENE GLYCOL'
6 non-polymer 'OCTANEDIOIC ACID HYDROXYAMIDE PHENYLAMIDE'
7 non-polymer '2-[N-CYCLOHEXYLAMINO]ETHANE SULFONIC ACID'
8 water water
#
_entity_poly.entity_id   1
_entity_poly.type   'polypeptide(L)'
_entity_poly.pdbx_seq_one_letter_code
;GKKKVCYYYDGDIGNYYYGQGHPMKPHRIRMTHNLLLNYGLYRKMEIYRPHKATAEEMTKYHSDEYIKFLRSIRPDNMSE
YSKQMQRFNVGEDCPVFDGLFEFCQLSTGGSVAGAVKLNRQQTDMAVNWAGGLHHAKKSEASGFCYVNDIVLAILELLKY
HQRVLYIDIDIHHGDGVEEAFYTTDRVMTVSFHKYGEYFPGTGDLRDIGAGKGKYYAVNFPMRDGIDDESYGQIFKPIIS
KVMEMYQPSAVVLQCGADSLSGDRLGCFNLTVKGHAKCVEVVKTFNLPLLMLGGGGYTIRNVARCWTYETAVALDCEIPN
ELPYNDYFEYFGPDFKLHISPSNMTNQNTPEYMEKIKQRLFENLRMLPH
;
_entity_poly.pdbx_strand_id   A,B,C
#
# COMPACT_ATOMS: atom_id res chain seq x y z
N GLY A 1 31.80 -20.79 5.41
CA GLY A 1 32.59 -21.67 4.54
C GLY A 1 31.67 -22.63 3.74
N LYS A 2 32.25 -23.65 3.03
CA LYS A 2 31.47 -24.66 2.31
C LYS A 2 30.92 -25.63 3.35
N LYS A 3 29.72 -26.16 3.11
CA LYS A 3 29.09 -26.99 4.14
C LYS A 3 28.90 -28.46 3.80
N LYS A 4 28.73 -29.28 4.86
CA LYS A 4 28.46 -30.71 4.73
C LYS A 4 26.95 -30.82 4.47
N VAL A 5 26.61 -31.50 3.39
CA VAL A 5 25.24 -31.69 2.93
C VAL A 5 24.96 -33.19 2.88
N CYS A 6 23.86 -33.61 3.51
CA CYS A 6 23.37 -34.99 3.48
C CYS A 6 22.05 -34.93 2.75
N TYR A 7 21.92 -35.78 1.75
CA TYR A 7 20.80 -35.79 0.81
C TYR A 7 20.06 -37.11 0.89
N TYR A 8 18.72 -37.05 0.93
CA TYR A 8 17.87 -38.22 1.11
C TYR A 8 17.05 -38.54 -0.12
N TYR A 9 17.15 -39.80 -0.55
CA TYR A 9 16.41 -40.22 -1.73
C TYR A 9 16.21 -41.72 -1.72
N ASP A 10 15.00 -42.15 -2.10
CA ASP A 10 14.70 -43.56 -2.27
C ASP A 10 14.36 -43.77 -3.74
N GLY A 11 15.09 -44.67 -4.43
CA GLY A 11 14.87 -44.99 -5.84
C GLY A 11 13.47 -45.46 -6.21
N ASP A 12 12.65 -45.87 -5.22
CA ASP A 12 11.28 -46.32 -5.47
C ASP A 12 10.32 -45.14 -5.62
N ILE A 13 10.71 -43.96 -5.08
CA ILE A 13 9.84 -42.77 -5.02
C ILE A 13 9.12 -42.38 -6.32
N GLY A 14 9.86 -42.43 -7.42
CA GLY A 14 9.36 -42.04 -8.75
C GLY A 14 8.26 -42.92 -9.30
N ASN A 15 8.05 -44.10 -8.69
CA ASN A 15 7.03 -45.06 -9.13
C ASN A 15 5.66 -44.85 -8.54
N TYR A 16 5.55 -44.05 -7.47
CA TYR A 16 4.23 -43.78 -6.86
C TYR A 16 3.45 -42.88 -7.78
N TYR A 17 2.22 -43.28 -8.08
CA TYR A 17 1.38 -42.61 -9.08
C TYR A 17 0.05 -42.19 -8.51
N TYR A 18 -0.21 -40.88 -8.48
CA TYR A 18 -1.46 -40.29 -7.95
C TYR A 18 -2.68 -40.60 -8.82
N GLY A 19 -2.49 -40.97 -10.07
CA GLY A 19 -3.61 -41.28 -10.96
C GLY A 19 -3.66 -40.43 -12.22
N GLN A 20 -4.42 -40.90 -13.23
CA GLN A 20 -4.53 -40.21 -14.52
C GLN A 20 -5.07 -38.79 -14.33
N GLY A 21 -4.40 -37.83 -14.93
CA GLY A 21 -4.79 -36.43 -14.85
C GLY A 21 -4.35 -35.70 -13.59
N HIS A 22 -3.86 -36.42 -12.54
CA HIS A 22 -3.43 -35.75 -11.30
C HIS A 22 -2.08 -35.02 -11.49
N PRO A 23 -2.03 -33.70 -11.20
CA PRO A 23 -0.79 -32.95 -11.44
C PRO A 23 0.41 -33.31 -10.55
N MET A 24 0.19 -33.88 -9.36
CA MET A 24 1.31 -34.25 -8.46
C MET A 24 2.00 -35.50 -9.01
N LYS A 25 3.27 -35.35 -9.43
CA LYS A 25 4.03 -36.43 -10.04
C LYS A 25 5.32 -36.77 -9.28
N PRO A 26 5.29 -37.79 -8.40
CA PRO A 26 6.52 -38.17 -7.67
C PRO A 26 7.71 -38.48 -8.56
N HIS A 27 7.47 -38.77 -9.85
CA HIS A 27 8.47 -38.99 -10.88
C HIS A 27 9.41 -37.78 -11.00
N ARG A 28 8.91 -36.53 -10.72
CA ARG A 28 9.79 -35.34 -10.76
C ARG A 28 10.99 -35.43 -9.76
N ILE A 29 10.82 -36.20 -8.66
CA ILE A 29 11.87 -36.39 -7.66
C ILE A 29 12.97 -37.26 -8.27
N ARG A 30 12.59 -38.30 -9.02
CA ARG A 30 13.54 -39.17 -9.76
C ARG A 30 14.25 -38.37 -10.85
N MET A 31 13.50 -37.50 -11.59
CA MET A 31 14.11 -36.65 -12.61
C MET A 31 15.16 -35.74 -11.98
N THR A 32 14.83 -35.15 -10.81
CA THR A 32 15.74 -34.27 -10.06
C THR A 32 17.00 -35.07 -9.72
N HIS A 33 16.84 -36.27 -9.12
CA HIS A 33 17.96 -37.12 -8.72
C HIS A 33 18.87 -37.44 -9.91
N ASN A 34 18.28 -37.93 -10.98
CA ASN A 34 19.05 -38.33 -12.17
C ASN A 34 19.80 -37.14 -12.78
N LEU A 35 19.19 -35.95 -12.76
CA LEU A 35 19.86 -34.77 -13.27
C LEU A 35 21.03 -34.38 -12.38
N LEU A 36 20.82 -34.32 -11.06
CA LEU A 36 21.94 -33.96 -10.20
C LEU A 36 23.07 -35.01 -10.22
N LEU A 37 22.72 -36.32 -10.39
CA LEU A 37 23.75 -37.37 -10.52
C LEU A 37 24.58 -37.09 -11.77
N ASN A 38 23.91 -36.74 -12.89
CA ASN A 38 24.59 -36.44 -14.16
C ASN A 38 25.44 -35.21 -14.14
N TYR A 39 25.19 -34.29 -13.19
CA TYR A 39 26.03 -33.11 -13.03
C TYR A 39 27.25 -33.46 -12.14
N GLY A 40 27.26 -34.67 -11.58
CA GLY A 40 28.35 -35.14 -10.72
C GLY A 40 28.26 -34.66 -9.28
N LEU A 41 27.09 -34.13 -8.86
CA LEU A 41 26.88 -33.62 -7.49
C LEU A 41 27.01 -34.67 -6.38
N TYR A 42 26.89 -35.97 -6.72
CA TYR A 42 27.06 -37.05 -5.74
C TYR A 42 28.50 -37.08 -5.20
N ARG A 43 29.47 -36.50 -5.94
CA ARG A 43 30.88 -36.52 -5.49
C ARG A 43 31.11 -35.59 -4.31
N LYS A 44 30.18 -34.66 -4.06
CA LYS A 44 30.31 -33.60 -3.06
C LYS A 44 29.39 -33.76 -1.85
N MET A 45 28.50 -34.76 -1.86
CA MET A 45 27.57 -34.94 -0.74
C MET A 45 27.33 -36.35 -0.39
N GLU A 46 26.83 -36.61 0.85
CA GLU A 46 26.50 -37.97 1.24
C GLU A 46 25.08 -38.23 0.83
N ILE A 47 24.84 -39.37 0.15
CA ILE A 47 23.51 -39.75 -0.33
C ILE A 47 23.00 -40.89 0.55
N TYR A 48 21.85 -40.69 1.20
CA TYR A 48 21.24 -41.64 2.10
C TYR A 48 19.91 -42.08 1.58
N ARG A 49 19.54 -43.32 1.85
CA ARG A 49 18.21 -43.79 1.52
C ARG A 49 17.46 -43.70 2.83
N PRO A 50 16.38 -42.92 2.91
CA PRO A 50 15.68 -42.79 4.19
C PRO A 50 14.98 -44.11 4.57
N HIS A 51 14.71 -44.30 5.87
CA HIS A 51 13.92 -45.43 6.36
C HIS A 51 12.45 -45.07 6.04
N LYS A 52 11.57 -46.07 6.14
CA LYS A 52 10.13 -45.84 6.03
C LYS A 52 9.65 -45.48 7.45
N ALA A 53 9.28 -44.20 7.67
CA ALA A 53 8.80 -43.70 8.96
C ALA A 53 7.64 -44.57 9.45
N THR A 54 7.66 -44.93 10.73
CA THR A 54 6.65 -45.82 11.31
C THR A 54 5.43 -45.03 11.81
N ALA A 55 4.40 -45.73 12.29
CA ALA A 55 3.23 -45.08 12.89
C ALA A 55 3.60 -44.36 14.20
N GLU A 56 4.55 -44.90 14.97
CA GLU A 56 5.03 -44.24 16.18
C GLU A 56 5.63 -42.87 15.81
N GLU A 57 6.37 -42.83 14.69
CA GLU A 57 7.00 -41.59 14.26
C GLU A 57 5.93 -40.59 13.82
N MET A 58 4.99 -41.04 12.99
CA MET A 58 3.94 -40.18 12.45
C MET A 58 2.94 -39.63 13.50
N THR A 59 2.64 -40.44 14.53
CA THR A 59 1.71 -40.08 15.61
C THR A 59 2.32 -39.14 16.65
N LYS A 60 3.55 -38.67 16.40
CA LYS A 60 4.16 -37.63 17.25
C LYS A 60 3.38 -36.31 16.97
N TYR A 61 2.65 -36.30 15.83
CA TYR A 61 1.80 -35.18 15.41
C TYR A 61 0.40 -35.66 15.02
N HIS A 62 0.31 -36.57 14.05
CA HIS A 62 -0.98 -37.03 13.56
C HIS A 62 -1.74 -37.91 14.55
N SER A 63 -3.07 -37.93 14.47
CA SER A 63 -3.87 -38.74 15.41
C SER A 63 -3.70 -40.21 15.07
N ASP A 64 -3.86 -41.06 16.10
CA ASP A 64 -3.81 -42.51 15.91
C ASP A 64 -4.83 -42.97 14.89
N GLU A 65 -6.04 -42.40 14.86
CA GLU A 65 -7.13 -42.78 13.93
C GLU A 65 -6.79 -42.50 12.47
N TYR A 66 -6.22 -41.32 12.21
CA TYR A 66 -5.87 -40.91 10.83
C TYR A 66 -4.74 -41.78 10.24
N ILE A 67 -3.69 -42.03 11.03
CA ILE A 67 -2.56 -42.87 10.62
C ILE A 67 -3.04 -44.32 10.38
N LYS A 68 -3.92 -44.83 11.25
CA LYS A 68 -4.48 -46.19 11.07
C LYS A 68 -5.24 -46.28 9.76
N PHE A 69 -6.02 -45.24 9.42
CA PHE A 69 -6.75 -45.17 8.15
C PHE A 69 -5.75 -45.15 6.98
N LEU A 70 -4.73 -44.28 7.02
CA LEU A 70 -3.73 -44.24 5.94
C LEU A 70 -3.01 -45.58 5.73
N ARG A 71 -2.67 -46.29 6.82
CA ARG A 71 -2.02 -47.62 6.86
C ARG A 71 -2.91 -48.71 6.24
N SER A 72 -4.26 -48.54 6.34
CA SER A 72 -5.28 -49.51 5.91
C SER A 72 -5.90 -49.29 4.55
N ILE A 73 -6.10 -48.03 4.15
CA ILE A 73 -6.79 -47.67 2.88
C ILE A 73 -6.05 -48.09 1.61
N ARG A 74 -6.77 -48.76 0.69
CA ARG A 74 -6.21 -49.21 -0.59
C ARG A 74 -7.25 -49.07 -1.70
N PRO A 75 -6.85 -49.01 -3.01
CA PRO A 75 -7.87 -48.94 -4.06
C PRO A 75 -8.84 -50.15 -4.07
N ASP A 76 -8.38 -51.34 -3.60
CA ASP A 76 -9.21 -52.56 -3.56
C ASP A 76 -10.27 -52.60 -2.47
N ASN A 77 -10.08 -51.85 -1.35
CA ASN A 77 -11.03 -51.81 -0.22
C ASN A 77 -11.70 -50.44 -0.04
N MET A 78 -11.42 -49.47 -0.95
CA MET A 78 -11.94 -48.09 -0.96
C MET A 78 -13.43 -48.00 -0.69
N SER A 79 -14.20 -48.85 -1.43
CA SER A 79 -15.66 -48.95 -1.36
C SER A 79 -16.20 -49.22 0.04
N GLU A 80 -15.39 -49.82 0.91
CA GLU A 80 -15.73 -50.12 2.31
C GLU A 80 -15.32 -48.99 3.27
N TYR A 81 -14.73 -47.90 2.76
CA TYR A 81 -14.21 -46.79 3.58
C TYR A 81 -14.75 -45.41 3.18
N SER A 82 -15.83 -45.35 2.37
CA SER A 82 -16.46 -44.12 1.87
C SER A 82 -16.60 -43.01 2.94
N LYS A 83 -17.08 -43.36 4.14
CA LYS A 83 -17.28 -42.40 5.22
C LYS A 83 -15.95 -41.91 5.79
N GLN A 84 -15.03 -42.85 6.05
CA GLN A 84 -13.70 -42.59 6.59
C GLN A 84 -12.89 -41.67 5.65
N MET A 85 -13.03 -41.90 4.34
CA MET A 85 -12.41 -41.10 3.28
C MET A 85 -12.87 -39.62 3.36
N GLN A 86 -14.18 -39.39 3.49
CA GLN A 86 -14.75 -38.03 3.60
C GLN A 86 -14.27 -37.36 4.89
N ARG A 87 -14.29 -38.09 6.02
CA ARG A 87 -13.81 -37.60 7.32
C ARG A 87 -12.33 -37.08 7.29
N PHE A 88 -11.43 -37.82 6.60
CA PHE A 88 -10.00 -37.49 6.53
C PHE A 88 -9.58 -36.74 5.23
N ASN A 89 -10.58 -36.33 4.40
CA ASN A 89 -10.37 -35.60 3.15
C ASN A 89 -9.53 -36.34 2.12
N VAL A 90 -9.79 -37.63 1.98
CA VAL A 90 -9.14 -38.45 0.98
C VAL A 90 -10.18 -38.76 -0.12
N GLY A 91 -9.81 -38.57 -1.39
CA GLY A 91 -10.72 -38.93 -2.50
C GLY A 91 -10.75 -38.11 -3.77
N GLU A 92 -10.20 -36.90 -3.77
CA GLU A 92 -10.20 -36.04 -4.96
C GLU A 92 -8.79 -35.45 -5.14
N ASP A 93 -8.45 -34.40 -4.36
CA ASP A 93 -7.12 -33.79 -4.38
C ASP A 93 -6.09 -34.77 -3.82
N CYS A 94 -6.52 -35.58 -2.84
CA CYS A 94 -5.71 -36.53 -2.09
C CYS A 94 -6.22 -37.95 -2.34
N PRO A 95 -5.96 -38.49 -3.54
CA PRO A 95 -6.55 -39.78 -3.88
C PRO A 95 -5.93 -40.95 -3.17
N VAL A 96 -6.65 -42.08 -3.22
CA VAL A 96 -6.14 -43.35 -2.73
C VAL A 96 -5.40 -43.91 -3.97
N PHE A 97 -4.12 -44.30 -3.78
CA PHE A 97 -3.34 -44.91 -4.86
C PHE A 97 -2.51 -46.04 -4.28
N ASP A 98 -2.10 -47.01 -5.12
CA ASP A 98 -1.28 -48.14 -4.65
C ASP A 98 0.02 -47.62 -4.05
N GLY A 99 0.32 -48.10 -2.85
CA GLY A 99 1.54 -47.71 -2.14
C GLY A 99 1.45 -46.35 -1.47
N LEU A 100 0.22 -45.76 -1.35
CA LEU A 100 0.05 -44.46 -0.67
C LEU A 100 0.77 -44.38 0.68
N PHE A 101 0.52 -45.33 1.62
CA PHE A 101 1.20 -45.26 2.92
C PHE A 101 2.72 -45.29 2.79
N GLU A 102 3.27 -46.17 1.92
CA GLU A 102 4.71 -46.27 1.70
C GLU A 102 5.29 -44.97 1.14
N PHE A 103 4.54 -44.28 0.24
CA PHE A 103 4.97 -42.97 -0.30
C PHE A 103 5.09 -41.98 0.88
N CYS A 104 4.08 -41.98 1.78
CA CYS A 104 4.10 -41.14 2.97
C CYS A 104 5.27 -41.48 3.86
N GLN A 105 5.55 -42.78 4.05
CA GLN A 105 6.63 -43.23 4.93
C GLN A 105 8.01 -42.77 4.44
N LEU A 106 8.24 -42.75 3.12
CA LEU A 106 9.53 -42.36 2.50
C LEU A 106 9.68 -40.85 2.48
N SER A 107 8.59 -40.13 2.16
CA SER A 107 8.57 -38.66 2.18
C SER A 107 8.91 -38.22 3.61
N THR A 108 8.23 -38.79 4.62
CA THR A 108 8.47 -38.47 6.04
C THR A 108 9.84 -38.90 6.53
N GLY A 109 10.25 -40.12 6.20
CA GLY A 109 11.54 -40.68 6.61
C GLY A 109 12.71 -39.80 6.26
N GLY A 110 12.72 -39.20 5.06
CA GLY A 110 13.81 -38.31 4.67
C GLY A 110 13.88 -37.06 5.53
N SER A 111 12.70 -36.47 5.84
CA SER A 111 12.64 -35.24 6.63
C SER A 111 13.06 -35.48 8.09
N VAL A 112 12.55 -36.56 8.66
CA VAL A 112 12.85 -36.91 10.05
C VAL A 112 14.31 -37.33 10.19
N ALA A 113 14.83 -38.17 9.26
CA ALA A 113 16.24 -38.60 9.27
C ALA A 113 17.18 -37.37 9.10
N GLY A 114 16.78 -36.44 8.27
CA GLY A 114 17.56 -35.22 8.06
C GLY A 114 17.63 -34.37 9.31
N ALA A 115 16.50 -34.25 10.01
CA ALA A 115 16.42 -33.52 11.28
C ALA A 115 17.33 -34.20 12.34
N VAL A 116 17.26 -35.56 12.42
CA VAL A 116 18.11 -36.31 13.40
C VAL A 116 19.59 -36.01 13.10
N LYS A 117 19.97 -36.06 11.82
CA LYS A 117 21.35 -35.83 11.37
C LYS A 117 21.85 -34.42 11.78
N LEU A 118 20.98 -33.40 11.65
CA LEU A 118 21.29 -32.02 12.04
C LEU A 118 21.42 -31.88 13.56
N ASN A 119 20.52 -32.53 14.31
CA ASN A 119 20.52 -32.56 15.79
C ASN A 119 21.80 -33.17 16.34
N ARG A 120 22.30 -34.22 15.67
CA ARG A 120 23.53 -34.92 16.06
C ARG A 120 24.77 -34.15 15.68
N GLN A 121 24.59 -33.03 14.96
CA GLN A 121 25.65 -32.15 14.46
C GLN A 121 26.54 -32.94 13.50
N GLN A 122 25.91 -33.85 12.71
CA GLN A 122 26.65 -34.65 11.74
C GLN A 122 26.57 -34.11 10.33
N THR A 123 25.83 -33.02 10.13
CA THR A 123 25.72 -32.36 8.84
C THR A 123 25.37 -30.88 9.11
N ASP A 124 25.66 -30.01 8.15
CA ASP A 124 25.27 -28.60 8.24
C ASP A 124 23.92 -28.44 7.58
N MET A 125 23.71 -29.20 6.50
CA MET A 125 22.48 -29.18 5.74
C MET A 125 21.94 -30.58 5.46
N ALA A 126 20.61 -30.72 5.49
CA ALA A 126 19.97 -32.00 5.11
C ALA A 126 18.96 -31.66 4.01
N VAL A 127 18.91 -32.47 2.96
CA VAL A 127 18.05 -32.20 1.80
C VAL A 127 17.10 -33.38 1.58
N ASN A 128 15.78 -33.10 1.48
CA ASN A 128 14.78 -34.12 1.21
C ASN A 128 13.75 -33.58 0.22
N TRP A 129 14.01 -33.72 -1.09
CA TRP A 129 13.10 -33.24 -2.12
C TRP A 129 11.74 -33.96 -2.15
N ALA A 130 11.64 -35.17 -1.56
CA ALA A 130 10.35 -35.90 -1.46
C ALA A 130 9.44 -35.33 -0.32
N GLY A 131 10.01 -34.49 0.54
CA GLY A 131 9.29 -33.86 1.65
C GLY A 131 8.72 -32.49 1.31
N GLY A 132 8.38 -31.72 2.34
CA GLY A 132 7.82 -30.39 2.21
C GLY A 132 6.30 -30.37 1.97
N LEU A 133 5.61 -31.42 2.39
CA LEU A 133 4.17 -31.57 2.15
C LEU A 133 3.37 -30.83 3.24
N HIS A 134 3.46 -29.50 3.15
CA HIS A 134 3.02 -28.49 4.14
C HIS A 134 1.56 -28.40 4.51
N HIS A 135 0.64 -28.98 3.71
CA HIS A 135 -0.81 -28.85 3.99
C HIS A 135 -1.39 -29.89 4.92
N ALA A 136 -0.76 -31.07 5.08
CA ALA A 136 -1.34 -32.12 5.93
C ALA A 136 -1.56 -31.65 7.36
N LYS A 137 -2.74 -31.98 7.92
CA LYS A 137 -3.14 -31.59 9.27
C LYS A 137 -3.15 -32.80 10.18
N LYS A 138 -3.32 -32.57 11.48
CA LYS A 138 -3.35 -33.61 12.51
C LYS A 138 -4.20 -34.80 12.09
N SER A 139 -5.43 -34.55 11.62
CA SER A 139 -6.30 -35.66 11.22
C SER A 139 -6.93 -35.48 9.86
N GLU A 140 -6.20 -34.87 8.92
CA GLU A 140 -6.79 -34.62 7.62
C GLU A 140 -5.72 -34.49 6.52
N ALA A 141 -5.95 -35.12 5.36
CA ALA A 141 -5.11 -34.91 4.18
C ALA A 141 -5.57 -33.57 3.56
N SER A 142 -4.71 -32.93 2.78
CA SER A 142 -5.07 -31.68 2.09
C SER A 142 -4.04 -31.35 1.01
N GLY A 143 -4.50 -30.79 -0.12
CA GLY A 143 -3.64 -30.28 -1.19
C GLY A 143 -2.51 -31.19 -1.64
N PHE A 144 -2.84 -32.48 -1.83
CA PHE A 144 -1.92 -33.53 -2.31
C PHE A 144 -0.95 -34.04 -1.21
N CYS A 145 -1.11 -33.54 0.02
CA CYS A 145 -0.27 -33.89 1.20
C CYS A 145 -1.10 -34.75 2.13
N TYR A 146 -0.49 -35.84 2.68
CA TYR A 146 -1.21 -36.74 3.59
C TYR A 146 -0.57 -36.75 4.95
N VAL A 147 0.78 -36.78 5.00
CA VAL A 147 1.50 -36.79 6.27
C VAL A 147 2.40 -35.58 6.26
N ASN A 148 2.34 -34.77 7.33
CA ASN A 148 3.09 -33.53 7.38
C ASN A 148 4.49 -33.81 7.84
N ASP A 149 5.38 -34.19 6.88
CA ASP A 149 6.79 -34.50 7.17
C ASP A 149 7.51 -33.30 7.77
N ILE A 150 7.07 -32.07 7.45
CA ILE A 150 7.71 -30.85 7.98
C ILE A 150 7.44 -30.73 9.46
N VAL A 151 6.18 -30.85 9.86
CA VAL A 151 5.84 -30.73 11.28
C VAL A 151 6.63 -31.79 12.10
N LEU A 152 6.70 -33.01 11.59
CA LEU A 152 7.41 -34.10 12.27
C LEU A 152 8.90 -33.80 12.36
N ALA A 153 9.48 -33.24 11.28
CA ALA A 153 10.90 -32.87 11.29
C ALA A 153 11.14 -31.72 12.28
N ILE A 154 10.20 -30.75 12.38
CA ILE A 154 10.38 -29.63 13.33
C ILE A 154 10.27 -30.14 14.77
N LEU A 155 9.33 -31.06 15.02
CA LEU A 155 9.19 -31.64 16.37
C LEU A 155 10.48 -32.36 16.77
N GLU A 156 11.17 -32.97 15.78
CA GLU A 156 12.47 -33.62 15.99
C GLU A 156 13.51 -32.57 16.35
N LEU A 157 13.58 -31.48 15.56
CA LEU A 157 14.50 -30.38 15.84
C LEU A 157 14.28 -29.76 17.22
N LEU A 158 13.01 -29.62 17.63
CA LEU A 158 12.67 -29.00 18.93
C LEU A 158 13.23 -29.77 20.15
N LYS A 159 13.68 -31.03 19.96
CA LYS A 159 14.32 -31.82 21.02
C LYS A 159 15.67 -31.17 21.41
N TYR A 160 16.34 -30.50 20.46
CA TYR A 160 17.66 -29.88 20.72
C TYR A 160 17.73 -28.39 20.46
N HIS A 161 16.67 -27.81 19.87
CA HIS A 161 16.65 -26.39 19.52
C HIS A 161 15.50 -25.68 20.20
N GLN A 162 15.80 -24.64 21.00
CA GLN A 162 14.77 -23.87 21.70
C GLN A 162 13.84 -23.16 20.68
N ARG A 163 14.43 -22.60 19.60
CA ARG A 163 13.69 -21.87 18.54
C ARG A 163 14.06 -22.37 17.17
N VAL A 164 13.03 -22.71 16.36
CA VAL A 164 13.16 -23.24 15.00
C VAL A 164 12.43 -22.30 14.06
N LEU A 165 13.11 -21.87 13.02
CA LEU A 165 12.49 -21.00 12.02
C LEU A 165 12.06 -21.84 10.81
N TYR A 166 10.81 -21.67 10.38
CA TYR A 166 10.27 -22.32 9.21
C TYR A 166 10.00 -21.25 8.12
N ILE A 167 10.51 -21.47 6.90
CA ILE A 167 10.33 -20.54 5.76
C ILE A 167 9.75 -21.33 4.59
N ASP A 168 8.70 -20.79 3.96
CA ASP A 168 7.95 -21.48 2.94
C ASP A 168 7.82 -20.65 1.67
N ILE A 169 8.62 -21.02 0.64
CA ILE A 169 8.62 -20.31 -0.66
C ILE A 169 7.79 -20.95 -1.75
N ASP A 170 7.04 -22.00 -1.40
CA ASP A 170 6.06 -22.62 -2.30
C ASP A 170 5.03 -21.50 -2.64
N ILE A 171 4.38 -21.54 -3.82
CA ILE A 171 3.37 -20.53 -4.15
C ILE A 171 2.18 -20.56 -3.17
N HIS A 172 1.89 -21.74 -2.56
CA HIS A 172 0.73 -21.90 -1.67
C HIS A 172 1.12 -21.65 -0.23
N HIS A 173 0.19 -21.11 0.55
CA HIS A 173 0.37 -20.85 1.98
C HIS A 173 0.69 -22.18 2.74
N GLY A 174 1.68 -22.13 3.65
CA GLY A 174 2.08 -23.26 4.48
C GLY A 174 1.17 -23.38 5.69
N ASP A 175 -0.12 -23.65 5.42
CA ASP A 175 -1.19 -23.70 6.43
C ASP A 175 -1.02 -24.79 7.48
N GLY A 176 -0.70 -26.02 7.06
CA GLY A 176 -0.54 -27.13 8.00
C GLY A 176 0.52 -26.90 9.05
N VAL A 177 1.68 -26.38 8.62
CA VAL A 177 2.82 -26.06 9.47
C VAL A 177 2.49 -24.88 10.40
N GLU A 178 1.89 -23.82 9.82
CA GLU A 178 1.47 -22.65 10.59
C GLU A 178 0.46 -23.08 11.66
N GLU A 179 -0.53 -23.92 11.29
CA GLU A 179 -1.55 -24.42 12.23
C GLU A 179 -0.95 -25.20 13.40
N ALA A 180 -0.10 -26.20 13.12
CA ALA A 180 0.52 -27.02 14.17
C ALA A 180 1.24 -26.19 15.23
N PHE A 181 1.91 -25.08 14.81
CA PHE A 181 2.71 -24.26 15.73
C PHE A 181 2.14 -22.85 15.99
N TYR A 182 0.85 -22.63 15.72
CA TYR A 182 0.18 -21.33 15.80
C TYR A 182 0.21 -20.71 17.18
N THR A 183 0.17 -21.55 18.22
CA THR A 183 0.10 -21.04 19.60
C THR A 183 1.43 -21.16 20.35
N THR A 184 2.53 -21.42 19.63
CA THR A 184 3.84 -21.51 20.28
C THR A 184 4.83 -20.52 19.72
N ASP A 185 5.75 -20.04 20.60
CA ASP A 185 6.81 -19.13 20.19
C ASP A 185 8.06 -19.91 19.84
N ARG A 186 8.02 -21.24 20.07
CA ARG A 186 9.16 -22.15 19.82
C ARG A 186 9.36 -22.41 18.34
N VAL A 187 8.36 -22.12 17.51
CA VAL A 187 8.55 -22.22 16.06
C VAL A 187 7.97 -20.95 15.43
N MET A 188 8.77 -20.25 14.63
CA MET A 188 8.23 -19.10 13.89
C MET A 188 8.01 -19.57 12.45
N THR A 189 6.79 -19.38 11.93
CA THR A 189 6.46 -19.79 10.56
C THR A 189 6.38 -18.57 9.65
N VAL A 190 7.10 -18.60 8.52
CA VAL A 190 7.15 -17.50 7.57
C VAL A 190 6.79 -18.03 6.18
N SER A 191 5.64 -17.61 5.67
CA SER A 191 5.14 -18.07 4.37
C SER A 191 4.95 -16.89 3.41
N PHE A 192 5.45 -17.05 2.18
CA PHE A 192 5.29 -16.08 1.07
C PHE A 192 4.40 -16.86 0.11
N HIS A 193 3.25 -16.29 -0.27
CA HIS A 193 2.34 -17.08 -1.12
C HIS A 193 1.38 -16.23 -1.90
N LYS A 194 0.85 -16.79 -2.98
CA LYS A 194 -0.22 -16.14 -3.73
C LYS A 194 -1.45 -16.18 -2.80
N TYR A 195 -2.15 -15.05 -2.69
CA TYR A 195 -3.30 -14.96 -1.78
C TYR A 195 -4.43 -14.20 -2.49
N GLY A 196 -5.65 -14.73 -2.36
CA GLY A 196 -6.87 -14.18 -2.95
C GLY A 196 -7.46 -15.17 -3.91
N GLU A 197 -8.59 -15.80 -3.52
CA GLU A 197 -9.28 -16.86 -4.29
C GLU A 197 -8.32 -17.90 -4.84
N TYR A 198 -7.46 -18.39 -3.94
CA TYR A 198 -6.43 -19.36 -4.28
C TYR A 198 -6.26 -20.32 -3.16
N PHE A 199 -5.97 -21.57 -3.50
CA PHE A 199 -5.74 -22.64 -2.52
C PHE A 199 -4.56 -22.30 -1.58
N PRO A 200 -4.66 -22.57 -0.27
CA PRO A 200 -5.83 -23.14 0.45
C PRO A 200 -6.83 -22.11 0.98
N GLY A 201 -6.60 -20.83 0.74
CA GLY A 201 -7.50 -19.78 1.20
C GLY A 201 -7.08 -19.06 2.46
N THR A 202 -5.97 -19.49 3.08
CA THR A 202 -5.45 -18.93 4.31
C THR A 202 -4.16 -18.11 4.07
N GLY A 203 -3.52 -17.64 5.13
CA GLY A 203 -2.29 -16.86 5.00
C GLY A 203 -2.49 -15.37 4.74
N ASP A 204 -3.53 -14.80 5.37
CA ASP A 204 -3.74 -13.34 5.29
C ASP A 204 -2.59 -12.69 6.09
N LEU A 205 -2.12 -11.49 5.72
CA LEU A 205 -1.04 -10.89 6.54
C LEU A 205 -1.48 -10.59 7.98
N ARG A 206 -2.80 -10.53 8.22
CA ARG A 206 -3.35 -10.31 9.58
C ARG A 206 -3.34 -11.59 10.44
N ASP A 207 -3.00 -12.78 9.84
CA ASP A 207 -2.90 -14.02 10.63
C ASP A 207 -1.49 -14.04 11.17
N ILE A 208 -1.35 -13.71 12.47
CA ILE A 208 -0.05 -13.55 13.11
C ILE A 208 0.24 -14.48 14.28
N GLY A 209 -0.61 -15.47 14.51
CA GLY A 209 -0.39 -16.37 15.64
C GLY A 209 -1.36 -16.00 16.74
N ALA A 210 -1.48 -16.88 17.75
CA ALA A 210 -2.37 -16.65 18.89
C ALA A 210 -1.72 -17.13 20.19
N GLY A 211 -2.11 -16.53 21.34
CA GLY A 211 -1.58 -16.89 22.65
C GLY A 211 -0.09 -16.67 22.71
N LYS A 212 0.68 -17.65 23.23
CA LYS A 212 2.16 -17.52 23.26
C LYS A 212 2.77 -17.35 21.85
N GLY A 213 2.04 -17.83 20.82
CA GLY A 213 2.46 -17.77 19.42
C GLY A 213 2.14 -16.46 18.70
N LYS A 214 1.51 -15.49 19.40
CA LYS A 214 1.20 -14.19 18.75
C LYS A 214 2.51 -13.50 18.33
N TYR A 215 2.59 -13.07 17.04
CA TYR A 215 3.76 -12.47 16.38
C TYR A 215 4.79 -13.50 15.92
N TYR A 216 4.44 -14.81 16.06
CA TYR A 216 5.34 -15.89 15.63
C TYR A 216 4.84 -16.63 14.37
N ALA A 217 3.85 -16.02 13.67
CA ALA A 217 3.39 -16.50 12.37
C ALA A 217 3.43 -15.25 11.49
N VAL A 218 4.07 -15.38 10.35
CA VAL A 218 4.29 -14.28 9.41
C VAL A 218 3.80 -14.73 8.06
N ASN A 219 2.92 -13.91 7.42
CA ASN A 219 2.39 -14.22 6.10
C ASN A 219 2.61 -13.05 5.18
N PHE A 220 3.18 -13.30 3.99
CA PHE A 220 3.38 -12.26 2.98
C PHE A 220 2.48 -12.61 1.81
N PRO A 221 1.23 -12.06 1.77
CA PRO A 221 0.31 -12.38 0.67
C PRO A 221 0.71 -11.68 -0.63
N MET A 222 0.68 -12.41 -1.76
CA MET A 222 1.15 -11.86 -3.04
C MET A 222 0.10 -12.03 -4.13
N ARG A 223 0.26 -11.27 -5.21
CA ARG A 223 -0.64 -11.32 -6.36
C ARG A 223 0.01 -12.08 -7.49
N ASP A 224 -0.73 -12.33 -8.58
CA ASP A 224 -0.18 -13.00 -9.76
C ASP A 224 1.06 -12.29 -10.31
N GLY A 225 1.95 -13.09 -10.90
CA GLY A 225 3.07 -12.60 -11.69
C GLY A 225 4.29 -12.04 -11.03
N ILE A 226 4.49 -12.29 -9.71
CA ILE A 226 5.69 -11.81 -9.04
C ILE A 226 6.94 -12.30 -9.79
N ASP A 227 7.96 -11.44 -9.89
CA ASP A 227 9.18 -11.77 -10.61
C ASP A 227 10.38 -11.79 -9.69
N ASP A 228 11.57 -12.12 -10.21
CA ASP A 228 12.80 -12.22 -9.43
C ASP A 228 13.13 -10.93 -8.70
N GLU A 229 13.03 -9.79 -9.41
CA GLU A 229 13.33 -8.47 -8.86
C GLU A 229 12.45 -8.12 -7.66
N SER A 230 11.13 -8.31 -7.78
CA SER A 230 10.18 -8.05 -6.70
C SER A 230 10.36 -8.99 -5.51
N TYR A 231 10.56 -10.30 -5.78
CA TYR A 231 10.75 -11.28 -4.69
C TYR A 231 12.03 -10.95 -3.92
N GLY A 232 13.10 -10.69 -4.66
CA GLY A 232 14.40 -10.32 -4.10
C GLY A 232 14.38 -9.03 -3.31
N GLN A 233 13.44 -8.12 -3.64
CA GLN A 233 13.18 -6.81 -3.01
C GLN A 233 12.76 -7.04 -1.54
N ILE A 234 12.03 -8.12 -1.26
CA ILE A 234 11.50 -8.36 0.07
C ILE A 234 12.06 -9.54 0.84
N PHE A 235 12.53 -10.58 0.17
CA PHE A 235 12.96 -11.79 0.85
C PHE A 235 14.14 -11.58 1.80
N LYS A 236 15.26 -11.06 1.30
CA LYS A 236 16.43 -10.80 2.15
C LYS A 236 16.08 -9.84 3.33
N PRO A 237 15.44 -8.65 3.09
CA PRO A 237 15.09 -7.79 4.24
C PRO A 237 14.21 -8.48 5.30
N ILE A 238 13.18 -9.26 4.88
CA ILE A 238 12.28 -9.96 5.80
CA ILE A 238 12.31 -9.93 5.84
C ILE A 238 13.04 -11.02 6.59
N ILE A 239 13.78 -11.89 5.88
CA ILE A 239 14.50 -12.96 6.57
C ILE A 239 15.55 -12.39 7.50
N SER A 240 16.27 -11.34 7.06
CA SER A 240 17.26 -10.70 7.93
C SER A 240 16.63 -10.18 9.22
N LYS A 241 15.46 -9.53 9.13
CA LYS A 241 14.78 -9.02 10.32
C LYS A 241 14.30 -10.15 11.23
N VAL A 242 13.79 -11.20 10.61
CA VAL A 242 13.35 -12.39 11.34
C VAL A 242 14.54 -13.00 12.10
N MET A 243 15.69 -13.14 11.44
CA MET A 243 16.89 -13.70 12.07
C MET A 243 17.33 -12.85 13.25
N GLU A 244 17.34 -11.53 13.05
CA GLU A 244 17.75 -10.55 14.06
C GLU A 244 16.87 -10.63 15.30
N MET A 245 15.55 -10.59 15.10
CA MET A 245 14.57 -10.57 16.17
C MET A 245 14.34 -11.93 16.81
N TYR A 246 14.22 -12.97 15.99
CA TYR A 246 13.89 -14.31 16.48
C TYR A 246 15.08 -15.13 16.94
N GLN A 247 16.27 -14.94 16.34
CA GLN A 247 17.50 -15.66 16.75
C GLN A 247 17.27 -17.21 16.82
N PRO A 248 16.78 -17.82 15.73
CA PRO A 248 16.54 -19.28 15.77
C PRO A 248 17.86 -20.05 15.80
N SER A 249 17.87 -21.30 16.28
CA SER A 249 19.12 -22.09 16.20
C SER A 249 19.08 -23.14 15.07
N ALA A 250 17.91 -23.32 14.42
CA ALA A 250 17.81 -24.23 13.27
C ALA A 250 16.77 -23.71 12.33
N VAL A 251 16.93 -24.01 11.04
CA VAL A 251 16.01 -23.52 10.02
C VAL A 251 15.48 -24.68 9.16
N VAL A 252 14.21 -24.59 8.74
CA VAL A 252 13.61 -25.55 7.80
C VAL A 252 13.13 -24.73 6.61
N LEU A 253 13.60 -25.03 5.41
CA LEU A 253 13.21 -24.24 4.24
C LEU A 253 12.44 -25.10 3.25
N GLN A 254 11.16 -24.77 3.08
CA GLN A 254 10.31 -25.50 2.11
C GLN A 254 10.49 -24.77 0.76
N CYS A 255 10.96 -25.52 -0.27
CA CYS A 255 11.34 -25.02 -1.57
C CYS A 255 10.37 -25.40 -2.67
N GLY A 256 9.08 -25.41 -2.37
CA GLY A 256 8.05 -25.74 -3.37
C GLY A 256 8.33 -24.98 -4.66
N ALA A 257 8.51 -25.71 -5.77
CA ALA A 257 8.88 -25.17 -7.10
C ALA A 257 7.70 -24.66 -7.92
N ASP A 258 6.47 -24.65 -7.36
CA ASP A 258 5.29 -24.14 -8.08
C ASP A 258 5.23 -22.60 -8.08
N SER A 259 6.24 -21.95 -7.47
CA SER A 259 6.36 -20.47 -7.50
C SER A 259 7.20 -20.04 -8.74
N LEU A 260 7.59 -21.00 -9.61
CA LEU A 260 8.35 -20.71 -10.84
C LEU A 260 7.39 -20.37 -11.95
N SER A 261 7.89 -19.54 -12.85
CA SER A 261 7.27 -19.15 -14.11
C SER A 261 6.93 -20.43 -14.87
N GLY A 262 5.74 -20.45 -15.47
CA GLY A 262 5.29 -21.55 -16.32
C GLY A 262 4.80 -22.78 -15.58
N ASP A 263 4.61 -22.70 -14.24
CA ASP A 263 4.08 -23.82 -13.47
C ASP A 263 2.64 -24.10 -13.93
N ARG A 264 2.28 -25.38 -14.05
CA ARG A 264 0.97 -25.82 -14.51
C ARG A 264 -0.17 -25.31 -13.61
N LEU A 265 0.07 -25.21 -12.29
CA LEU A 265 -0.92 -24.73 -11.31
C LEU A 265 -0.60 -23.32 -10.81
N GLY A 266 0.67 -22.96 -10.82
CA GLY A 266 1.15 -21.68 -10.31
C GLY A 266 0.86 -20.49 -11.21
N CYS A 267 0.94 -19.29 -10.64
CA CYS A 267 0.66 -18.05 -11.35
C CYS A 267 1.74 -17.00 -11.02
N PHE A 268 2.95 -17.46 -10.61
CA PHE A 268 4.09 -16.58 -10.33
C PHE A 268 5.02 -16.58 -11.54
N ASN A 269 6.07 -15.77 -11.49
CA ASN A 269 6.98 -15.61 -12.63
C ASN A 269 8.46 -15.61 -12.21
N LEU A 270 8.80 -16.43 -11.19
CA LEU A 270 10.20 -16.55 -10.78
C LEU A 270 10.97 -17.46 -11.72
N THR A 271 12.27 -17.22 -11.86
CA THR A 271 13.18 -18.10 -12.59
C THR A 271 13.79 -19.01 -11.53
N VAL A 272 14.60 -19.98 -11.94
CA VAL A 272 15.26 -20.88 -11.00
C VAL A 272 16.30 -20.07 -10.19
N LYS A 273 16.95 -19.09 -10.83
CA LYS A 273 17.91 -18.23 -10.11
C LYS A 273 17.21 -17.41 -9.06
N GLY A 274 16.02 -16.89 -9.37
CA GLY A 274 15.23 -16.09 -8.44
C GLY A 274 14.77 -16.90 -7.25
N HIS A 275 14.36 -18.16 -7.52
CA HIS A 275 13.92 -19.12 -6.49
C HIS A 275 15.13 -19.49 -5.63
N ALA A 276 16.26 -19.82 -6.27
CA ALA A 276 17.48 -20.28 -5.56
C ALA A 276 18.13 -19.17 -4.73
N LYS A 277 17.92 -17.90 -5.07
CA LYS A 277 18.45 -16.77 -4.30
C LYS A 277 17.94 -16.91 -2.85
N CYS A 278 16.72 -17.48 -2.65
CA CYS A 278 16.15 -17.72 -1.32
C CYS A 278 17.00 -18.65 -0.51
N VAL A 279 17.48 -19.72 -1.14
CA VAL A 279 18.37 -20.70 -0.51
C VAL A 279 19.68 -20.01 -0.18
N GLU A 280 20.23 -19.25 -1.13
CA GLU A 280 21.50 -18.51 -0.87
C GLU A 280 21.33 -17.58 0.33
N VAL A 281 20.21 -16.83 0.37
CA VAL A 281 19.96 -15.91 1.49
C VAL A 281 19.91 -16.67 2.83
N VAL A 282 19.14 -17.78 2.91
CA VAL A 282 19.06 -18.56 4.16
C VAL A 282 20.43 -19.18 4.56
N LYS A 283 21.19 -19.64 3.56
CA LYS A 283 22.54 -20.21 3.72
C LYS A 283 23.51 -19.30 4.42
N THR A 284 23.47 -17.98 4.16
CA THR A 284 24.41 -17.01 4.74
C THR A 284 24.36 -16.92 6.25
N PHE A 285 23.22 -17.30 6.87
CA PHE A 285 23.05 -17.26 8.32
C PHE A 285 23.82 -18.37 9.06
N ASN A 286 24.38 -19.36 8.33
CA ASN A 286 25.20 -20.44 8.91
C ASN A 286 24.53 -21.17 10.08
N LEU A 287 23.26 -21.51 9.91
CA LEU A 287 22.51 -22.27 10.88
C LEU A 287 22.20 -23.66 10.32
N PRO A 288 22.06 -24.71 11.18
CA PRO A 288 21.63 -26.03 10.69
C PRO A 288 20.37 -25.86 9.85
N LEU A 289 20.39 -26.39 8.63
CA LEU A 289 19.33 -26.15 7.67
C LEU A 289 18.76 -27.41 7.02
N LEU A 290 17.45 -27.55 7.08
CA LEU A 290 16.77 -28.67 6.45
C LEU A 290 16.05 -28.09 5.25
N MET A 291 16.45 -28.53 4.05
CA MET A 291 15.84 -28.09 2.80
C MET A 291 14.88 -29.14 2.28
N LEU A 292 13.63 -28.71 2.03
CA LEU A 292 12.56 -29.61 1.60
C LEU A 292 11.92 -29.22 0.28
N GLY A 293 11.27 -30.20 -0.35
CA GLY A 293 10.55 -30.02 -1.60
C GLY A 293 9.19 -29.40 -1.33
N GLY A 294 8.18 -29.82 -2.09
CA GLY A 294 6.82 -29.28 -1.96
C GLY A 294 6.09 -29.40 -3.28
N GLY A 295 5.34 -28.36 -3.65
CA GLY A 295 4.65 -28.32 -4.93
C GLY A 295 5.62 -28.17 -6.09
N GLY A 296 5.08 -28.13 -7.30
CA GLY A 296 5.89 -28.04 -8.52
C GLY A 296 5.26 -28.99 -9.54
N TYR A 297 4.65 -28.42 -10.59
CA TYR A 297 3.83 -29.17 -11.54
C TYR A 297 4.25 -29.16 -13.01
N THR A 298 5.28 -28.37 -13.36
CA THR A 298 5.89 -28.40 -14.70
C THR A 298 7.19 -29.11 -14.35
N ILE A 299 7.17 -30.42 -14.49
CA ILE A 299 8.21 -31.30 -13.96
C ILE A 299 9.63 -31.05 -14.43
N ARG A 300 9.80 -30.65 -15.69
CA ARG A 300 11.12 -30.28 -16.20
C ARG A 300 11.69 -29.11 -15.34
N ASN A 301 10.84 -28.13 -14.98
CA ASN A 301 11.30 -26.98 -14.19
C ASN A 301 11.55 -27.32 -12.74
N VAL A 302 10.79 -28.27 -12.23
CA VAL A 302 11.00 -28.76 -10.85
C VAL A 302 12.40 -29.42 -10.77
N ALA A 303 12.70 -30.30 -11.75
CA ALA A 303 14.00 -30.97 -11.78
C ALA A 303 15.16 -29.95 -11.86
N ARG A 304 15.01 -28.92 -12.71
CA ARG A 304 16.03 -27.86 -12.87
C ARG A 304 16.20 -27.14 -11.55
N CYS A 305 15.08 -26.71 -10.94
CA CYS A 305 15.07 -25.93 -9.69
C CYS A 305 15.80 -26.64 -8.55
N TRP A 306 15.39 -27.87 -8.25
CA TRP A 306 15.96 -28.65 -7.14
C TRP A 306 17.39 -29.11 -7.39
N THR A 307 17.77 -29.35 -8.68
CA THR A 307 19.14 -29.69 -9.03
C THR A 307 19.99 -28.45 -8.72
N TYR A 308 19.57 -27.25 -9.19
CA TYR A 308 20.34 -26.02 -8.96
C TYR A 308 20.42 -25.68 -7.47
N GLU A 309 19.32 -25.86 -6.73
CA GLU A 309 19.31 -25.57 -5.28
C GLU A 309 20.21 -26.55 -4.49
N THR A 310 20.35 -27.80 -5.00
CA THR A 310 21.30 -28.74 -4.38
C THR A 310 22.73 -28.20 -4.65
N ALA A 311 23.01 -27.78 -5.89
CA ALA A 311 24.33 -27.23 -6.26
C ALA A 311 24.63 -25.98 -5.42
N VAL A 312 23.61 -25.14 -5.18
CA VAL A 312 23.71 -23.95 -4.33
C VAL A 312 24.04 -24.36 -2.90
N ALA A 313 23.34 -25.40 -2.35
CA ALA A 313 23.61 -25.90 -0.99
C ALA A 313 25.07 -26.32 -0.87
N LEU A 314 25.62 -26.89 -1.94
CA LEU A 314 27.01 -27.38 -1.97
C LEU A 314 28.04 -26.32 -2.32
N ASP A 315 27.62 -25.09 -2.71
CA ASP A 315 28.52 -24.03 -3.21
C ASP A 315 29.31 -24.58 -4.40
N CYS A 316 28.61 -25.32 -5.28
CA CYS A 316 29.21 -25.95 -6.45
C CYS A 316 28.60 -25.34 -7.70
N GLU A 317 29.42 -24.60 -8.49
CA GLU A 317 28.97 -23.97 -9.72
C GLU A 317 28.78 -25.07 -10.78
N ILE A 318 27.65 -25.02 -11.48
CA ILE A 318 27.38 -26.05 -12.50
C ILE A 318 27.03 -25.37 -13.83
N PRO A 319 27.41 -25.97 -14.97
CA PRO A 319 27.12 -25.34 -16.26
C PRO A 319 25.63 -25.25 -16.60
N ASN A 320 25.30 -24.24 -17.38
CA ASN A 320 23.94 -24.00 -17.84
C ASN A 320 23.54 -25.05 -18.88
N GLU A 321 24.52 -25.56 -19.63
CA GLU A 321 24.30 -26.60 -20.64
C GLU A 321 23.98 -27.90 -19.88
N LEU A 322 22.77 -28.44 -20.06
CA LEU A 322 22.38 -29.66 -19.34
C LEU A 322 23.21 -30.88 -19.74
N PRO A 323 23.71 -31.67 -18.76
CA PRO A 323 24.42 -32.90 -19.12
C PRO A 323 23.38 -33.89 -19.65
N TYR A 324 23.82 -34.90 -20.41
CA TYR A 324 22.89 -35.95 -20.84
C TYR A 324 22.34 -36.64 -19.57
N ASN A 325 21.10 -37.13 -19.63
CA ASN A 325 20.46 -37.80 -18.50
C ASN A 325 19.29 -38.64 -19.03
N ASP A 326 18.68 -39.49 -18.18
CA ASP A 326 17.59 -40.39 -18.55
C ASP A 326 16.32 -39.69 -19.07
N TYR A 327 16.17 -38.40 -18.75
CA TYR A 327 15.01 -37.57 -19.06
C TYR A 327 15.38 -36.38 -19.92
N PHE A 328 16.48 -36.48 -20.66
CA PHE A 328 17.02 -35.40 -21.48
C PHE A 328 15.97 -34.72 -22.39
N GLU A 329 15.10 -35.53 -23.01
CA GLU A 329 14.02 -35.00 -23.88
C GLU A 329 13.01 -34.07 -23.17
N TYR A 330 12.85 -34.19 -21.84
CA TYR A 330 11.89 -33.35 -21.10
C TYR A 330 12.35 -31.87 -21.07
N PHE A 331 13.66 -31.64 -21.23
CA PHE A 331 14.32 -30.33 -21.13
C PHE A 331 14.44 -29.57 -22.44
N GLY A 332 13.85 -30.12 -23.48
CA GLY A 332 13.82 -29.43 -24.76
C GLY A 332 12.87 -28.25 -24.70
N PRO A 333 12.89 -27.32 -25.68
CA PRO A 333 13.76 -27.33 -26.88
C PRO A 333 15.15 -26.77 -26.65
N ASP A 334 15.40 -26.22 -25.44
CA ASP A 334 16.66 -25.54 -25.13
C ASP A 334 17.76 -26.40 -24.52
N PHE A 335 17.41 -27.38 -23.66
CA PHE A 335 18.38 -28.26 -22.99
C PHE A 335 19.33 -27.46 -22.12
N LYS A 336 18.79 -26.41 -21.47
CA LYS A 336 19.54 -25.55 -20.54
C LYS A 336 18.97 -25.70 -19.13
N LEU A 337 19.77 -25.42 -18.12
CA LEU A 337 19.36 -25.55 -16.72
C LEU A 337 18.45 -24.41 -16.30
N HIS A 338 18.83 -23.17 -16.63
CA HIS A 338 18.08 -21.99 -16.24
C HIS A 338 16.94 -21.67 -17.17
N ILE A 339 15.91 -20.99 -16.64
CA ILE A 339 14.70 -20.70 -17.40
C ILE A 339 14.50 -19.19 -17.54
N SER A 340 13.69 -18.80 -18.52
CA SER A 340 13.34 -17.41 -18.80
C SER A 340 12.00 -17.11 -18.17
N PRO A 341 11.80 -15.88 -17.64
CA PRO A 341 10.47 -15.52 -17.15
C PRO A 341 9.53 -15.29 -18.35
N SER A 342 8.22 -15.39 -18.14
CA SER A 342 7.24 -15.14 -19.19
C SER A 342 6.99 -13.60 -19.27
N ASN A 343 6.12 -13.16 -20.22
CA ASN A 343 5.75 -11.73 -20.38
C ASN A 343 4.52 -11.38 -19.49
N MET A 344 4.13 -12.29 -18.56
CA MET A 344 2.96 -12.02 -17.71
C MET A 344 3.13 -10.78 -16.88
N THR A 345 2.02 -10.05 -16.67
CA THR A 345 2.05 -8.82 -15.90
C THR A 345 2.31 -9.16 -14.44
N ASN A 346 3.16 -8.39 -13.80
CA ASN A 346 3.39 -8.53 -12.38
C ASN A 346 2.36 -7.63 -11.68
N GLN A 347 1.34 -8.24 -11.06
CA GLN A 347 0.29 -7.52 -10.32
C GLN A 347 0.78 -6.96 -8.98
N ASN A 348 1.98 -7.38 -8.54
CA ASN A 348 2.58 -6.89 -7.30
C ASN A 348 3.39 -5.63 -7.61
N THR A 349 2.78 -4.47 -7.38
CA THR A 349 3.51 -3.23 -7.67
C THR A 349 4.67 -3.07 -6.68
N PRO A 350 5.72 -2.32 -7.02
CA PRO A 350 6.80 -2.10 -6.03
C PRO A 350 6.26 -1.44 -4.73
N GLU A 351 5.22 -0.59 -4.85
CA GLU A 351 4.58 0.05 -3.68
C GLU A 351 3.89 -0.99 -2.83
N TYR A 352 3.19 -1.95 -3.46
CA TYR A 352 2.51 -3.02 -2.73
C TYR A 352 3.56 -3.81 -1.95
N MET A 353 4.65 -4.21 -2.63
CA MET A 353 5.73 -5.01 -2.00
C MET A 353 6.30 -4.29 -0.77
N GLU A 354 6.63 -3.01 -0.92
CA GLU A 354 7.20 -2.23 0.16
CA GLU A 354 7.19 -2.21 0.19
C GLU A 354 6.20 -2.04 1.33
N LYS A 355 4.92 -1.81 1.01
CA LYS A 355 3.90 -1.61 2.04
C LYS A 355 3.68 -2.87 2.92
N ILE A 356 3.54 -4.06 2.29
CA ILE A 356 3.37 -5.33 3.02
C ILE A 356 4.61 -5.57 3.87
N LYS A 357 5.81 -5.31 3.31
CA LYS A 357 7.06 -5.47 4.07
C LYS A 357 7.07 -4.57 5.31
N GLN A 358 6.66 -3.30 5.15
CA GLN A 358 6.61 -2.37 6.29
C GLN A 358 5.59 -2.82 7.34
N ARG A 359 4.45 -3.40 6.92
CA ARG A 359 3.47 -3.93 7.87
C ARG A 359 4.05 -5.12 8.63
N LEU A 360 4.78 -6.00 7.92
CA LEU A 360 5.39 -7.16 8.60
C LEU A 360 6.49 -6.71 9.55
N PHE A 361 7.25 -5.65 9.19
CA PHE A 361 8.30 -5.10 10.07
C PHE A 361 7.73 -4.60 11.39
N GLU A 362 6.54 -3.96 11.35
CA GLU A 362 5.83 -3.48 12.56
C GLU A 362 5.52 -4.65 13.47
N ASN A 363 5.09 -5.80 12.89
CA ASN A 363 4.79 -7.00 13.66
C ASN A 363 6.07 -7.58 14.28
N LEU A 364 7.18 -7.60 13.53
CA LEU A 364 8.45 -8.08 14.04
C LEU A 364 9.04 -7.22 15.20
N ARG A 365 8.65 -5.92 15.29
CA ARG A 365 9.08 -5.03 16.38
C ARG A 365 8.49 -5.45 17.72
N MET A 366 7.40 -6.23 17.69
CA MET A 366 6.66 -6.76 18.84
C MET A 366 7.30 -8.00 19.47
N LEU A 367 8.40 -8.52 18.90
CA LEU A 367 9.10 -9.67 19.49
C LEU A 367 9.96 -9.19 20.70
N PRO A 368 10.27 -10.06 21.72
CA PRO A 368 11.07 -9.59 22.87
C PRO A 368 12.44 -9.04 22.49
N LYS B 2 -28.35 5.25 17.18
CA LYS B 2 -28.07 5.77 15.84
C LYS B 2 -29.12 5.34 14.81
N LYS B 3 -29.24 6.12 13.72
CA LYS B 3 -30.12 5.82 12.60
C LYS B 3 -29.70 4.48 11.95
N LYS B 4 -30.67 3.72 11.47
CA LYS B 4 -30.45 2.41 10.87
C LYS B 4 -30.08 2.54 9.38
N VAL B 5 -29.13 1.71 8.95
CA VAL B 5 -28.66 1.67 7.56
C VAL B 5 -28.79 0.28 6.98
N CYS B 6 -29.39 0.16 5.77
CA CYS B 6 -29.41 -1.11 5.04
C CYS B 6 -28.68 -0.87 3.74
N TYR B 7 -28.01 -1.91 3.26
CA TYR B 7 -27.12 -1.79 2.12
C TYR B 7 -27.32 -2.97 1.18
N TYR B 8 -27.37 -2.69 -0.14
CA TYR B 8 -27.63 -3.73 -1.13
C TYR B 8 -26.41 -4.05 -1.95
N TYR B 9 -26.11 -5.35 -2.08
CA TYR B 9 -24.99 -5.83 -2.88
C TYR B 9 -25.20 -7.25 -3.31
N ASP B 10 -24.95 -7.56 -4.60
CA ASP B 10 -24.99 -8.92 -5.11
C ASP B 10 -23.56 -9.25 -5.49
N GLY B 11 -23.05 -10.38 -4.98
CA GLY B 11 -21.70 -10.84 -5.25
C GLY B 11 -21.31 -11.02 -6.71
N ASP B 12 -22.29 -11.08 -7.64
CA ASP B 12 -21.94 -11.18 -9.06
C ASP B 12 -21.82 -9.83 -9.74
N ILE B 13 -22.24 -8.74 -9.07
CA ILE B 13 -22.22 -7.40 -9.69
C ILE B 13 -20.91 -6.99 -10.37
N GLY B 14 -19.77 -7.30 -9.75
CA GLY B 14 -18.45 -7.00 -10.28
C GLY B 14 -18.05 -7.84 -11.49
N ASN B 15 -18.82 -8.92 -11.81
CA ASN B 15 -18.50 -9.77 -12.96
C ASN B 15 -19.07 -9.32 -14.30
N TYR B 16 -19.99 -8.33 -14.29
CA TYR B 16 -20.56 -7.83 -15.53
C TYR B 16 -19.56 -6.91 -16.16
N TYR B 17 -19.29 -7.12 -17.44
CA TYR B 17 -18.22 -6.44 -18.12
C TYR B 17 -18.67 -5.73 -19.36
N TYR B 18 -18.52 -4.39 -19.37
CA TYR B 18 -18.94 -3.55 -20.51
C TYR B 18 -18.15 -3.77 -21.80
N GLY B 19 -16.96 -4.34 -21.70
CA GLY B 19 -16.13 -4.60 -22.88
C GLY B 19 -14.78 -3.91 -22.81
N GLN B 20 -13.80 -4.39 -23.60
CA GLN B 20 -12.45 -3.81 -23.58
C GLN B 20 -12.47 -2.33 -23.95
N GLY B 21 -11.80 -1.53 -23.14
CA GLY B 21 -11.70 -0.08 -23.33
C GLY B 21 -12.86 0.73 -22.77
N HIS B 22 -13.99 0.09 -22.40
CA HIS B 22 -15.14 0.83 -21.88
C HIS B 22 -14.85 1.33 -20.44
N PRO B 23 -15.01 2.65 -20.15
CA PRO B 23 -14.63 3.14 -18.82
C PRO B 23 -15.54 2.69 -17.68
N MET B 24 -16.80 2.29 -17.98
CA MET B 24 -17.74 1.84 -16.92
C MET B 24 -17.36 0.44 -16.45
N LYS B 25 -16.97 0.32 -15.18
CA LYS B 25 -16.47 -0.94 -14.64
C LYS B 25 -17.23 -1.37 -13.37
N PRO B 26 -18.22 -2.29 -13.50
CA PRO B 26 -19.00 -2.72 -12.33
C PRO B 26 -18.11 -3.33 -11.22
N HIS B 27 -16.89 -3.82 -11.57
CA HIS B 27 -15.87 -4.31 -10.64
C HIS B 27 -15.59 -3.27 -9.51
N ARG B 28 -15.73 -1.95 -9.80
CA ARG B 28 -15.55 -0.89 -8.81
C ARG B 28 -16.51 -1.06 -7.61
N ILE B 29 -17.69 -1.66 -7.86
CA ILE B 29 -18.75 -1.88 -6.83
C ILE B 29 -18.24 -2.97 -5.91
N ARG B 30 -17.60 -4.00 -6.50
CA ARG B 30 -17.00 -5.10 -5.72
C ARG B 30 -15.81 -4.59 -4.91
N MET B 31 -14.99 -3.69 -5.50
CA MET B 31 -13.87 -3.08 -4.76
C MET B 31 -14.36 -2.32 -3.54
N THR B 32 -15.43 -1.53 -3.70
CA THR B 32 -16.09 -0.76 -2.63
C THR B 32 -16.52 -1.74 -1.54
N HIS B 33 -17.27 -2.80 -1.94
CA HIS B 33 -17.77 -3.78 -0.98
C HIS B 33 -16.64 -4.44 -0.19
N ASN B 34 -15.59 -4.87 -0.88
CA ASN B 34 -14.51 -5.55 -0.19
C ASN B 34 -13.76 -4.60 0.76
N LEU B 35 -13.64 -3.33 0.38
CA LEU B 35 -12.96 -2.35 1.22
C LEU B 35 -13.79 -2.09 2.48
N LEU B 36 -15.08 -1.84 2.34
CA LEU B 36 -15.91 -1.63 3.52
C LEU B 36 -16.04 -2.89 4.43
N LEU B 37 -15.98 -4.13 3.87
CA LEU B 37 -15.97 -5.35 4.71
C LEU B 37 -14.67 -5.36 5.52
N ASN B 38 -13.54 -5.00 4.88
CA ASN B 38 -12.25 -5.01 5.56
C ASN B 38 -12.07 -3.92 6.60
N TYR B 39 -12.86 -2.84 6.49
CA TYR B 39 -12.92 -1.80 7.50
C TYR B 39 -13.83 -2.22 8.70
N GLY B 40 -14.56 -3.34 8.56
CA GLY B 40 -15.47 -3.86 9.58
C GLY B 40 -16.85 -3.20 9.61
N LEU B 41 -17.20 -2.44 8.56
CA LEU B 41 -18.48 -1.70 8.48
C LEU B 41 -19.72 -2.59 8.40
N TYR B 42 -19.56 -3.86 8.01
CA TYR B 42 -20.64 -4.86 7.97
C TYR B 42 -21.23 -5.09 9.39
N ARG B 43 -20.43 -4.86 10.46
CA ARG B 43 -20.89 -5.07 11.84
C ARG B 43 -21.99 -4.08 12.24
N LYS B 44 -22.05 -2.92 11.56
CA LYS B 44 -22.95 -1.81 11.88
C LYS B 44 -24.16 -1.67 10.96
N MET B 45 -24.26 -2.50 9.91
CA MET B 45 -25.37 -2.34 8.98
C MET B 45 -25.95 -3.65 8.48
N GLU B 46 -27.18 -3.55 7.97
CA GLU B 46 -27.87 -4.71 7.41
C GLU B 46 -27.45 -4.79 5.97
N ILE B 47 -26.92 -5.93 5.57
CA ILE B 47 -26.52 -6.12 4.19
C ILE B 47 -27.50 -7.10 3.59
N TYR B 48 -28.11 -6.70 2.45
CA TYR B 48 -29.03 -7.55 1.71
C TYR B 48 -28.54 -7.77 0.32
N ARG B 49 -28.94 -8.89 -0.26
CA ARG B 49 -28.67 -9.14 -1.65
C ARG B 49 -29.94 -8.62 -2.41
N PRO B 50 -29.79 -7.83 -3.48
CA PRO B 50 -30.98 -7.42 -4.22
C PRO B 50 -31.63 -8.59 -4.94
N HIS B 51 -32.92 -8.47 -5.21
CA HIS B 51 -33.60 -9.42 -6.08
C HIS B 51 -33.28 -8.95 -7.50
N LYS B 52 -33.54 -9.79 -8.50
CA LYS B 52 -33.45 -9.37 -9.89
C LYS B 52 -34.78 -8.67 -10.19
N ALA B 53 -34.76 -7.33 -10.41
CA ALA B 53 -35.98 -6.57 -10.71
C ALA B 53 -36.76 -7.18 -11.90
N THR B 54 -38.06 -7.36 -11.76
CA THR B 54 -38.83 -8.00 -12.83
C THR B 54 -39.16 -6.99 -13.94
N ALA B 55 -39.62 -7.48 -15.11
CA ALA B 55 -40.10 -6.64 -16.21
C ALA B 55 -41.32 -5.85 -15.70
N GLU B 56 -42.13 -6.47 -14.82
CA GLU B 56 -43.27 -5.79 -14.18
C GLU B 56 -42.81 -4.51 -13.40
N GLU B 57 -41.74 -4.63 -12.62
CA GLU B 57 -41.20 -3.50 -11.87
C GLU B 57 -40.61 -2.48 -12.81
N MET B 58 -39.84 -2.92 -13.82
CA MET B 58 -39.19 -1.99 -14.77
C MET B 58 -40.16 -1.20 -15.61
N THR B 59 -41.32 -1.82 -15.96
CA THR B 59 -42.35 -1.16 -16.77
C THR B 59 -43.22 -0.20 -16.01
N LYS B 60 -42.93 0.03 -14.71
CA LYS B 60 -43.64 1.07 -13.96
C LYS B 60 -43.19 2.41 -14.55
N TYR B 61 -42.03 2.41 -15.26
CA TYR B 61 -41.56 3.60 -15.94
C TYR B 61 -41.28 3.36 -17.44
N HIS B 62 -40.40 2.40 -17.74
CA HIS B 62 -39.96 2.12 -19.10
C HIS B 62 -41.05 1.49 -19.93
N SER B 63 -40.96 1.66 -21.24
CA SER B 63 -41.95 1.03 -22.11
C SER B 63 -41.70 -0.47 -22.17
N ASP B 64 -42.76 -1.22 -22.42
CA ASP B 64 -42.78 -2.65 -22.60
C ASP B 64 -41.85 -3.09 -23.73
N GLU B 65 -41.85 -2.36 -24.87
CA GLU B 65 -40.99 -2.71 -26.00
C GLU B 65 -39.51 -2.59 -25.64
N TYR B 66 -39.15 -1.51 -24.94
CA TYR B 66 -37.75 -1.29 -24.54
C TYR B 66 -37.25 -2.36 -23.58
N ILE B 67 -38.04 -2.72 -22.57
CA ILE B 67 -37.64 -3.78 -21.61
C ILE B 67 -37.59 -5.12 -22.30
N LYS B 68 -38.57 -5.41 -23.20
CA LYS B 68 -38.57 -6.67 -23.96
C LYS B 68 -37.27 -6.76 -24.77
N PHE B 69 -36.85 -5.62 -25.39
CA PHE B 69 -35.60 -5.56 -26.16
C PHE B 69 -34.40 -5.86 -25.25
N LEU B 70 -34.32 -5.18 -24.09
CA LEU B 70 -33.21 -5.40 -23.16
C LEU B 70 -33.13 -6.84 -22.71
N ARG B 71 -34.30 -7.49 -22.53
CA ARG B 71 -34.36 -8.88 -22.08
C ARG B 71 -34.01 -9.89 -23.21
N SER B 72 -33.95 -9.40 -24.46
CA SER B 72 -33.69 -10.24 -25.64
C SER B 72 -32.30 -10.15 -26.24
N ILE B 73 -31.72 -8.93 -26.26
CA ILE B 73 -30.43 -8.60 -26.88
C ILE B 73 -29.24 -9.32 -26.24
N ARG B 74 -28.42 -9.96 -27.06
CA ARG B 74 -27.25 -10.70 -26.61
C ARG B 74 -26.15 -10.50 -27.66
N PRO B 75 -24.86 -10.59 -27.30
CA PRO B 75 -23.81 -10.46 -28.33
C PRO B 75 -24.01 -11.45 -29.49
N ASP B 76 -24.54 -12.65 -29.24
CA ASP B 76 -24.79 -13.67 -30.28
C ASP B 76 -25.95 -13.41 -31.27
N ASN B 77 -26.87 -12.47 -30.96
CA ASN B 77 -28.01 -12.18 -31.84
C ASN B 77 -28.14 -10.70 -32.26
N MET B 78 -27.06 -9.91 -32.07
CA MET B 78 -26.98 -8.47 -32.39
C MET B 78 -27.30 -8.14 -33.84
N SER B 79 -26.88 -9.02 -34.77
CA SER B 79 -27.12 -8.86 -36.21
C SER B 79 -28.63 -8.88 -36.53
N GLU B 80 -29.41 -9.72 -35.82
CA GLU B 80 -30.87 -9.85 -35.95
C GLU B 80 -31.62 -8.63 -35.39
N TYR B 81 -30.97 -7.86 -34.49
CA TYR B 81 -31.59 -6.73 -33.80
C TYR B 81 -30.98 -5.36 -34.13
N SER B 82 -30.28 -5.22 -35.28
CA SER B 82 -29.63 -3.94 -35.62
C SER B 82 -30.55 -2.69 -35.63
N LYS B 83 -31.80 -2.81 -36.13
CA LYS B 83 -32.74 -1.69 -36.13
C LYS B 83 -33.20 -1.30 -34.72
N GLN B 84 -33.51 -2.30 -33.88
CA GLN B 84 -33.92 -2.08 -32.49
C GLN B 84 -32.75 -1.52 -31.69
N MET B 85 -31.50 -1.99 -31.95
CA MET B 85 -30.32 -1.43 -31.25
C MET B 85 -30.25 0.09 -31.51
N GLN B 86 -30.47 0.46 -32.77
CA GLN B 86 -30.48 1.86 -33.20
C GLN B 86 -31.60 2.62 -32.48
N ARG B 87 -32.84 2.10 -32.54
CA ARG B 87 -34.03 2.69 -31.95
C ARG B 87 -33.87 2.92 -30.45
N PHE B 88 -33.31 1.93 -29.74
CA PHE B 88 -33.17 2.00 -28.29
C PHE B 88 -31.81 2.51 -27.81
N ASN B 89 -30.98 2.98 -28.74
CA ASN B 89 -29.66 3.57 -28.46
C ASN B 89 -28.67 2.63 -27.75
N VAL B 90 -28.71 1.35 -28.15
CA VAL B 90 -27.80 0.34 -27.58
C VAL B 90 -26.79 -0.05 -28.67
N GLY B 91 -25.52 -0.13 -28.27
CA GLY B 91 -24.44 -0.56 -29.17
C GLY B 91 -23.17 0.26 -29.15
N GLU B 92 -23.24 1.54 -28.77
CA GLU B 92 -22.05 2.39 -28.73
C GLU B 92 -21.61 2.72 -27.30
N ASP B 93 -22.12 3.80 -26.71
CA ASP B 93 -21.80 4.15 -25.32
C ASP B 93 -22.42 3.12 -24.40
N CYS B 94 -23.56 2.54 -24.80
CA CYS B 94 -24.32 1.55 -24.02
C CYS B 94 -24.24 0.25 -24.80
N PRO B 95 -23.10 -0.47 -24.66
CA PRO B 95 -22.89 -1.67 -25.48
C PRO B 95 -23.75 -2.85 -25.11
N VAL B 96 -23.76 -3.86 -25.99
CA VAL B 96 -24.38 -5.14 -25.69
C VAL B 96 -23.27 -5.95 -25.04
N PHE B 97 -23.55 -6.55 -23.89
CA PHE B 97 -22.59 -7.44 -23.22
C PHE B 97 -23.29 -8.61 -22.61
N ASP B 98 -22.56 -9.73 -22.31
CA ASP B 98 -23.16 -10.91 -21.71
C ASP B 98 -23.73 -10.55 -20.33
N GLY B 99 -24.99 -10.93 -20.09
CA GLY B 99 -25.64 -10.68 -18.81
C GLY B 99 -26.11 -9.23 -18.61
N LEU B 100 -26.19 -8.48 -19.71
CA LEU B 100 -26.66 -7.08 -19.68
C LEU B 100 -27.98 -6.93 -18.90
N PHE B 101 -28.99 -7.74 -19.23
CA PHE B 101 -30.29 -7.63 -18.55
C PHE B 101 -30.20 -7.93 -17.07
N GLU B 102 -29.44 -8.96 -16.71
CA GLU B 102 -29.22 -9.36 -15.32
C GLU B 102 -28.53 -8.23 -14.54
N PHE B 103 -27.52 -7.58 -15.16
CA PHE B 103 -26.85 -6.42 -14.55
C PHE B 103 -27.90 -5.33 -14.24
N CYS B 104 -28.77 -5.02 -15.22
CA CYS B 104 -29.87 -4.07 -15.07
C CYS B 104 -30.79 -4.48 -13.94
N GLN B 105 -31.15 -5.77 -13.90
CA GLN B 105 -32.07 -6.30 -12.87
C GLN B 105 -31.51 -6.12 -11.46
N LEU B 106 -30.22 -6.42 -11.27
CA LEU B 106 -29.56 -6.31 -9.97
C LEU B 106 -29.37 -4.86 -9.56
N SER B 107 -28.92 -4.01 -10.48
CA SER B 107 -28.78 -2.58 -10.23
C SER B 107 -30.15 -1.98 -9.81
N THR B 108 -31.21 -2.27 -10.57
CA THR B 108 -32.55 -1.75 -10.30
C THR B 108 -33.12 -2.36 -9.00
N GLY B 109 -32.90 -3.66 -8.82
CA GLY B 109 -33.38 -4.39 -7.64
C GLY B 109 -32.97 -3.74 -6.33
N GLY B 110 -31.70 -3.35 -6.21
CA GLY B 110 -31.20 -2.70 -4.98
C GLY B 110 -31.90 -1.38 -4.69
N SER B 111 -32.16 -0.56 -5.72
CA SER B 111 -32.79 0.76 -5.56
C SER B 111 -34.27 0.63 -5.18
N VAL B 112 -35.00 -0.22 -5.90
CA VAL B 112 -36.44 -0.42 -5.60
C VAL B 112 -36.59 -1.07 -4.21
N ALA B 113 -35.79 -2.10 -3.93
CA ALA B 113 -35.85 -2.75 -2.61
C ALA B 113 -35.52 -1.77 -1.46
N GLY B 114 -34.55 -0.87 -1.64
CA GLY B 114 -34.18 0.13 -0.65
C GLY B 114 -35.30 1.13 -0.41
N ALA B 115 -35.97 1.57 -1.49
CA ALA B 115 -37.13 2.49 -1.44
C ALA B 115 -38.28 1.78 -0.67
N VAL B 116 -38.47 0.46 -0.89
CA VAL B 116 -39.54 -0.28 -0.16
C VAL B 116 -39.22 -0.29 1.36
N LYS B 117 -37.94 -0.55 1.73
CA LYS B 117 -37.49 -0.56 3.14
C LYS B 117 -37.75 0.77 3.81
N LEU B 118 -37.47 1.87 3.08
CA LEU B 118 -37.71 3.22 3.56
C LEU B 118 -39.22 3.46 3.76
N ASN B 119 -40.06 3.06 2.79
CA ASN B 119 -41.52 3.26 2.84
C ASN B 119 -42.14 2.54 4.05
N ARG B 120 -41.67 1.33 4.31
CA ARG B 120 -42.14 0.50 5.43
C ARG B 120 -41.49 0.93 6.74
N GLN B 121 -40.68 2.00 6.71
CA GLN B 121 -40.00 2.57 7.89
C GLN B 121 -39.17 1.50 8.61
N GLN B 122 -38.58 0.56 7.84
CA GLN B 122 -37.75 -0.49 8.43
C GLN B 122 -36.28 -0.08 8.49
N THR B 123 -35.96 1.09 7.92
CA THR B 123 -34.61 1.66 7.87
C THR B 123 -34.73 3.17 7.74
N ASP B 124 -33.66 3.88 8.14
CA ASP B 124 -33.61 5.33 7.96
C ASP B 124 -32.86 5.70 6.67
N MET B 125 -31.89 4.86 6.29
CA MET B 125 -31.07 5.03 5.09
C MET B 125 -30.95 3.71 4.37
N ALA B 126 -31.01 3.75 3.04
CA ALA B 126 -30.77 2.56 2.26
C ALA B 126 -29.70 2.95 1.23
N VAL B 127 -28.76 2.05 1.01
CA VAL B 127 -27.61 2.28 0.11
C VAL B 127 -27.61 1.26 -1.02
N ASN B 128 -27.45 1.73 -2.28
CA ASN B 128 -27.27 0.83 -3.41
C ASN B 128 -26.20 1.42 -4.34
N TRP B 129 -24.94 1.02 -4.15
CA TRP B 129 -23.87 1.54 -5.00
C TRP B 129 -23.94 1.06 -6.43
N ALA B 130 -24.75 0.00 -6.73
CA ALA B 130 -24.92 -0.49 -8.10
C ALA B 130 -25.94 0.34 -8.86
N GLY B 131 -26.64 1.22 -8.15
CA GLY B 131 -27.67 2.08 -8.76
C GLY B 131 -27.18 3.47 -9.09
N GLY B 132 -28.13 4.41 -9.27
CA GLY B 132 -27.81 5.80 -9.62
C GLY B 132 -27.58 6.03 -11.11
N LEU B 133 -28.14 5.15 -11.98
CA LEU B 133 -27.95 5.21 -13.44
C LEU B 133 -28.91 6.20 -14.10
N HIS B 134 -28.62 7.48 -13.80
CA HIS B 134 -29.43 8.67 -14.07
C HIS B 134 -29.83 9.03 -15.50
N HIS B 135 -29.08 8.53 -16.50
CA HIS B 135 -29.37 8.89 -17.90
C HIS B 135 -30.45 8.10 -18.60
N ALA B 136 -30.76 6.87 -18.15
CA ALA B 136 -31.72 6.03 -18.88
C ALA B 136 -33.06 6.70 -19.03
N LYS B 137 -33.63 6.63 -20.22
CA LYS B 137 -34.92 7.25 -20.54
C LYS B 137 -36.01 6.21 -20.65
N LYS B 138 -37.27 6.66 -20.77
CA LYS B 138 -38.41 5.75 -20.88
C LYS B 138 -38.20 4.65 -21.91
N SER B 139 -37.69 4.99 -23.12
CA SER B 139 -37.51 4.02 -24.18
C SER B 139 -36.14 4.04 -24.82
N GLU B 140 -35.11 4.43 -24.08
CA GLU B 140 -33.76 4.39 -24.62
C GLU B 140 -32.66 4.42 -23.57
N ALA B 141 -31.54 3.78 -23.91
CA ALA B 141 -30.34 3.76 -23.08
C ALA B 141 -29.59 5.02 -23.40
N SER B 142 -28.73 5.46 -22.47
CA SER B 142 -27.90 6.64 -22.66
C SER B 142 -26.83 6.68 -21.59
N GLY B 143 -25.64 7.18 -21.93
CA GLY B 143 -24.56 7.45 -20.97
C GLY B 143 -24.23 6.32 -20.04
N PHE B 144 -24.14 5.09 -20.60
CA PHE B 144 -23.78 3.83 -19.89
C PHE B 144 -24.93 3.29 -19.02
N CYS B 145 -26.11 3.93 -19.07
CA CYS B 145 -27.30 3.64 -18.30
C CYS B 145 -28.33 2.98 -19.17
N TYR B 146 -28.99 1.90 -18.69
CA TYR B 146 -30.02 1.21 -19.50
C TYR B 146 -31.39 1.29 -18.84
N VAL B 147 -31.46 0.98 -17.54
CA VAL B 147 -32.71 1.04 -16.79
C VAL B 147 -32.54 2.09 -15.72
N ASN B 148 -33.50 3.00 -15.64
CA ASN B 148 -33.36 4.08 -14.68
C ASN B 148 -33.85 3.63 -13.31
N ASP B 149 -32.95 3.00 -12.53
CA ASP B 149 -33.26 2.49 -11.18
C ASP B 149 -33.69 3.65 -10.28
N ILE B 150 -33.22 4.90 -10.57
CA ILE B 150 -33.57 6.08 -9.74
C ILE B 150 -35.03 6.44 -9.93
N VAL B 151 -35.47 6.59 -11.20
CA VAL B 151 -36.86 6.92 -11.49
C VAL B 151 -37.77 5.85 -10.84
N LEU B 152 -37.42 4.56 -10.97
CA LEU B 152 -38.23 3.48 -10.39
C LEU B 152 -38.26 3.53 -8.86
N ALA B 153 -37.12 3.88 -8.25
CA ALA B 153 -37.05 4.04 -6.77
C ALA B 153 -37.93 5.21 -6.30
N ILE B 154 -37.92 6.31 -7.06
CA ILE B 154 -38.71 7.51 -6.74
C ILE B 154 -40.22 7.19 -6.90
N LEU B 155 -40.59 6.46 -7.96
CA LEU B 155 -41.98 6.06 -8.13
C LEU B 155 -42.48 5.22 -6.92
N GLU B 156 -41.60 4.36 -6.38
CA GLU B 156 -41.90 3.52 -5.20
C GLU B 156 -42.10 4.46 -3.98
N LEU B 157 -41.17 5.41 -3.77
CA LEU B 157 -41.28 6.38 -2.68
C LEU B 157 -42.55 7.23 -2.79
N LEU B 158 -42.95 7.57 -4.03
CA LEU B 158 -44.14 8.40 -4.28
C LEU B 158 -45.44 7.70 -3.85
N LYS B 159 -45.39 6.41 -3.58
CA LYS B 159 -46.57 5.70 -3.09
C LYS B 159 -46.92 6.18 -1.67
N TYR B 160 -45.91 6.54 -0.84
CA TYR B 160 -46.05 6.94 0.56
C TYR B 160 -45.68 8.38 0.85
N HIS B 161 -44.90 9.02 -0.05
CA HIS B 161 -44.40 10.37 0.15
C HIS B 161 -44.99 11.34 -0.83
N GLN B 162 -45.64 12.42 -0.33
CA GLN B 162 -46.28 13.44 -1.18
C GLN B 162 -45.22 14.18 -2.00
N ARG B 163 -44.06 14.47 -1.37
CA ARG B 163 -42.97 15.19 -2.00
C ARG B 163 -41.65 14.45 -1.75
N VAL B 164 -40.95 14.16 -2.84
CA VAL B 164 -39.65 13.47 -2.84
C VAL B 164 -38.62 14.44 -3.40
N LEU B 165 -37.48 14.56 -2.72
CA LEU B 165 -36.39 15.39 -3.20
C LEU B 165 -35.34 14.49 -3.81
N TYR B 166 -34.86 14.87 -5.01
CA TYR B 166 -33.76 14.15 -5.67
C TYR B 166 -32.58 15.11 -5.74
N ILE B 167 -31.38 14.65 -5.30
CA ILE B 167 -30.13 15.43 -5.33
C ILE B 167 -29.08 14.61 -6.13
N ASP B 168 -28.41 15.28 -7.10
CA ASP B 168 -27.48 14.59 -7.98
C ASP B 168 -26.14 15.30 -7.96
N ILE B 169 -25.11 14.65 -7.35
CA ILE B 169 -23.75 15.21 -7.25
C ILE B 169 -22.75 14.56 -8.21
N ASP B 170 -23.27 13.75 -9.11
CA ASP B 170 -22.47 13.20 -10.20
C ASP B 170 -21.97 14.41 -11.01
N ILE B 171 -20.80 14.32 -11.69
CA ILE B 171 -20.35 15.47 -12.51
C ILE B 171 -21.32 15.74 -13.70
N HIS B 172 -22.09 14.74 -14.13
CA HIS B 172 -23.01 14.90 -15.26
C HIS B 172 -24.43 15.24 -14.79
N HIS B 173 -25.16 15.99 -15.62
CA HIS B 173 -26.56 16.35 -15.34
C HIS B 173 -27.45 15.08 -15.23
N GLY B 174 -28.33 15.03 -14.22
CA GLY B 174 -29.29 13.94 -14.04
C GLY B 174 -30.49 14.13 -14.95
N ASP B 175 -30.27 14.11 -16.27
CA ASP B 175 -31.31 14.35 -17.28
C ASP B 175 -32.49 13.37 -17.28
N GLY B 176 -32.21 12.06 -17.18
CA GLY B 176 -33.28 11.06 -17.21
C GLY B 176 -34.23 11.21 -16.04
N VAL B 177 -33.69 11.55 -14.85
CA VAL B 177 -34.52 11.72 -13.64
C VAL B 177 -35.29 13.04 -13.77
N GLU B 178 -34.60 14.11 -14.19
CA GLU B 178 -35.23 15.43 -14.36
C GLU B 178 -36.40 15.34 -15.35
N GLU B 179 -36.16 14.66 -16.47
CA GLU B 179 -37.12 14.51 -17.54
C GLU B 179 -38.36 13.74 -17.06
N ALA B 180 -38.18 12.59 -16.36
CA ALA B 180 -39.30 11.79 -15.86
C ALA B 180 -40.31 12.60 -15.05
N PHE B 181 -39.82 13.57 -14.25
CA PHE B 181 -40.61 14.37 -13.32
C PHE B 181 -40.63 15.87 -13.66
N TYR B 182 -40.29 16.22 -14.90
CA TYR B 182 -40.22 17.62 -15.33
C TYR B 182 -41.51 18.38 -15.15
N THR B 183 -42.65 17.71 -15.30
CA THR B 183 -43.96 18.37 -15.22
C THR B 183 -44.73 18.11 -13.93
N THR B 184 -44.03 17.69 -12.85
CA THR B 184 -44.66 17.45 -11.56
C THR B 184 -43.96 18.21 -10.45
N ASP B 185 -44.73 18.61 -9.43
CA ASP B 185 -44.22 19.28 -8.23
C ASP B 185 -44.02 18.24 -7.11
N ARG B 186 -44.37 16.97 -7.40
CA ARG B 186 -44.23 15.87 -6.44
C ARG B 186 -42.80 15.37 -6.31
N VAL B 187 -41.93 15.75 -7.25
CA VAL B 187 -40.51 15.45 -7.21
C VAL B 187 -39.75 16.71 -7.60
N MET B 188 -38.85 17.18 -6.71
CA MET B 188 -37.99 18.29 -7.03
C MET B 188 -36.67 17.63 -7.37
N THR B 189 -36.12 17.96 -8.53
CA THR B 189 -34.83 17.42 -8.95
C THR B 189 -33.80 18.53 -8.82
N VAL B 190 -32.68 18.24 -8.15
CA VAL B 190 -31.59 19.19 -7.94
C VAL B 190 -30.29 18.59 -8.48
N SER B 191 -29.74 19.14 -9.58
CA SER B 191 -28.48 18.61 -10.12
C SER B 191 -27.38 19.68 -10.10
N PHE B 192 -26.17 19.29 -9.64
CA PHE B 192 -24.93 20.09 -9.67
C PHE B 192 -24.08 19.37 -10.70
N HIS B 193 -23.59 20.07 -11.72
CA HIS B 193 -22.87 19.37 -12.79
C HIS B 193 -22.05 20.32 -13.63
N LYS B 194 -21.11 19.75 -14.38
CA LYS B 194 -20.40 20.55 -15.38
C LYS B 194 -21.39 20.76 -16.52
N TYR B 195 -21.45 22.00 -17.03
CA TYR B 195 -22.30 22.39 -18.13
C TYR B 195 -21.47 23.25 -19.11
N GLY B 196 -21.66 23.02 -20.39
CA GLY B 196 -20.93 23.70 -21.45
C GLY B 196 -20.26 22.70 -22.36
N GLU B 197 -20.96 22.31 -23.44
CA GLU B 197 -20.46 21.35 -24.43
C GLU B 197 -19.92 20.10 -23.69
N TYR B 198 -20.75 19.54 -22.80
CA TYR B 198 -20.37 18.39 -21.98
C TYR B 198 -21.55 17.44 -21.95
N PHE B 199 -21.29 16.14 -21.86
CA PHE B 199 -22.38 15.15 -21.82
C PHE B 199 -23.28 15.38 -20.59
N PRO B 200 -24.64 15.22 -20.66
CA PRO B 200 -25.48 14.94 -21.84
C PRO B 200 -25.88 16.17 -22.67
N GLY B 201 -25.49 17.36 -22.24
CA GLY B 201 -25.79 18.60 -22.96
C GLY B 201 -26.94 19.40 -22.40
N THR B 202 -27.57 18.88 -21.35
CA THR B 202 -28.73 19.50 -20.68
C THR B 202 -28.34 20.04 -19.31
N GLY B 203 -29.30 20.54 -18.56
CA GLY B 203 -29.00 21.04 -17.22
C GLY B 203 -28.63 22.50 -17.20
N ASP B 204 -29.26 23.29 -18.08
CA ASP B 204 -29.02 24.73 -18.09
C ASP B 204 -29.70 25.29 -16.84
N LEU B 205 -29.14 26.37 -16.28
CA LEU B 205 -29.66 27.15 -15.16
C LEU B 205 -31.16 27.48 -15.40
N ARG B 206 -31.51 27.74 -16.68
CA ARG B 206 -32.85 28.15 -17.09
C ARG B 206 -33.84 27.01 -17.28
N ASP B 207 -33.38 25.74 -17.15
CA ASP B 207 -34.26 24.59 -17.19
C ASP B 207 -34.81 24.43 -15.78
N ILE B 208 -36.02 24.98 -15.55
CA ILE B 208 -36.62 25.02 -14.21
C ILE B 208 -37.88 24.16 -14.05
N GLY B 209 -38.26 23.40 -15.05
CA GLY B 209 -39.49 22.61 -15.00
C GLY B 209 -40.56 23.23 -15.87
N ALA B 210 -41.71 22.53 -16.04
CA ALA B 210 -42.81 23.05 -16.85
C ALA B 210 -44.16 22.65 -16.27
N GLY B 211 -45.21 23.42 -16.59
CA GLY B 211 -46.55 23.15 -16.12
C GLY B 211 -46.57 23.15 -14.61
N LYS B 212 -47.16 22.11 -13.99
CA LYS B 212 -47.20 21.98 -12.51
C LYS B 212 -45.80 21.87 -11.89
N GLY B 213 -44.84 21.38 -12.68
CA GLY B 213 -43.46 21.21 -12.27
C GLY B 213 -42.59 22.44 -12.42
N LYS B 214 -43.14 23.59 -12.88
CA LYS B 214 -42.35 24.82 -13.01
C LYS B 214 -41.83 25.21 -11.62
N TYR B 215 -40.50 25.43 -11.48
CA TYR B 215 -39.75 25.76 -10.24
C TYR B 215 -39.37 24.50 -9.43
N TYR B 216 -39.71 23.30 -9.97
CA TYR B 216 -39.40 22.01 -9.32
C TYR B 216 -38.27 21.24 -9.97
N ALA B 217 -37.53 21.89 -10.85
CA ALA B 217 -36.28 21.34 -11.43
C ALA B 217 -35.22 22.42 -11.17
N VAL B 218 -34.09 22.03 -10.55
CA VAL B 218 -33.05 22.98 -10.14
C VAL B 218 -31.74 22.48 -10.72
N ASN B 219 -31.02 23.37 -11.43
CA ASN B 219 -29.76 22.98 -12.07
C ASN B 219 -28.70 24.01 -11.74
N PHE B 220 -27.58 23.54 -11.18
CA PHE B 220 -26.45 24.41 -10.86
C PHE B 220 -25.32 24.07 -11.82
N PRO B 221 -25.16 24.83 -12.92
CA PRO B 221 -24.05 24.53 -13.84
C PRO B 221 -22.71 24.99 -13.30
N MET B 222 -21.69 24.12 -13.43
CA MET B 222 -20.35 24.42 -12.91
C MET B 222 -19.30 24.32 -14.01
N ARG B 223 -18.14 24.95 -13.78
CA ARG B 223 -17.02 24.92 -14.71
C ARG B 223 -15.96 23.93 -14.18
N ASP B 224 -14.94 23.62 -14.99
CA ASP B 224 -13.84 22.72 -14.60
C ASP B 224 -13.17 23.18 -13.33
N GLY B 225 -12.61 22.22 -12.59
CA GLY B 225 -11.77 22.48 -11.43
C GLY B 225 -12.43 22.90 -10.15
N ILE B 226 -13.76 22.71 -10.00
CA ILE B 226 -14.37 23.05 -8.73
C ILE B 226 -13.72 22.23 -7.58
N ASP B 227 -13.49 22.87 -6.43
CA ASP B 227 -12.83 22.27 -5.26
C ASP B 227 -13.78 22.12 -4.09
N ASP B 228 -13.34 21.46 -3.01
CA ASP B 228 -14.15 21.19 -1.82
C ASP B 228 -14.71 22.50 -1.25
N GLU B 229 -13.85 23.51 -1.16
CA GLU B 229 -14.18 24.82 -0.58
C GLU B 229 -15.37 25.48 -1.32
N SER B 230 -15.25 25.62 -2.65
CA SER B 230 -16.26 26.22 -3.53
C SER B 230 -17.57 25.41 -3.60
N TYR B 231 -17.47 24.06 -3.72
CA TYR B 231 -18.63 23.17 -3.76
C TYR B 231 -19.41 23.26 -2.45
N GLY B 232 -18.70 23.16 -1.32
CA GLY B 232 -19.28 23.18 0.02
C GLY B 232 -20.01 24.46 0.36
N GLN B 233 -19.46 25.60 -0.12
CA GLN B 233 -20.02 26.95 0.10
C GLN B 233 -21.33 27.15 -0.65
N ILE B 234 -21.55 26.40 -1.73
CA ILE B 234 -22.83 26.49 -2.41
C ILE B 234 -23.80 25.35 -2.06
N PHE B 235 -23.28 24.12 -1.83
CA PHE B 235 -24.17 22.97 -1.60
C PHE B 235 -25.05 23.16 -0.37
N LYS B 236 -24.44 23.45 0.80
CA LYS B 236 -25.20 23.58 2.05
C LYS B 236 -26.33 24.65 1.95
N PRO B 237 -26.05 25.89 1.48
CA PRO B 237 -27.13 26.89 1.35
C PRO B 237 -28.20 26.51 0.34
N ILE B 238 -27.83 25.92 -0.79
CA ILE B 238 -28.83 25.54 -1.80
C ILE B 238 -29.77 24.49 -1.22
N ILE B 239 -29.19 23.41 -0.66
CA ILE B 239 -29.97 22.32 -0.09
C ILE B 239 -30.77 22.79 1.12
N SER B 240 -30.21 23.67 1.98
CA SER B 240 -30.99 24.21 3.11
C SER B 240 -32.24 24.99 2.64
N LYS B 241 -32.12 25.77 1.56
CA LYS B 241 -33.23 26.57 1.00
C LYS B 241 -34.26 25.66 0.35
N VAL B 242 -33.78 24.67 -0.40
CA VAL B 242 -34.65 23.66 -0.99
C VAL B 242 -35.45 22.97 0.15
N MET B 243 -34.78 22.54 1.25
CA MET B 243 -35.50 21.88 2.36
C MET B 243 -36.57 22.82 2.98
N GLU B 244 -36.20 24.10 3.14
CA GLU B 244 -37.10 25.09 3.74
C GLU B 244 -38.33 25.32 2.89
N MET B 245 -38.13 25.54 1.60
CA MET B 245 -39.22 25.84 0.68
C MET B 245 -40.01 24.62 0.26
N TYR B 246 -39.31 23.52 -0.05
CA TYR B 246 -39.96 22.31 -0.58
C TYR B 246 -40.47 21.36 0.46
N GLN B 247 -39.82 21.28 1.63
CA GLN B 247 -40.24 20.40 2.75
C GLN B 247 -40.53 18.96 2.28
N PRO B 248 -39.55 18.28 1.64
CA PRO B 248 -39.82 16.90 1.19
C PRO B 248 -39.91 15.96 2.39
N SER B 249 -40.50 14.79 2.19
CA SER B 249 -40.55 13.80 3.29
C SER B 249 -39.59 12.60 3.08
N ALA B 250 -38.90 12.56 1.92
CA ALA B 250 -37.94 11.51 1.59
C ALA B 250 -36.94 12.12 0.60
N VAL B 251 -35.71 11.57 0.59
CA VAL B 251 -34.64 12.11 -0.28
C VAL B 251 -33.94 10.99 -0.97
N VAL B 252 -33.58 11.21 -2.24
CA VAL B 252 -32.77 10.27 -3.01
C VAL B 252 -31.51 11.06 -3.36
N LEU B 253 -30.33 10.51 -3.03
CA LEU B 253 -29.06 11.19 -3.29
C LEU B 253 -28.20 10.34 -4.20
N GLN B 254 -28.02 10.79 -5.42
CA GLN B 254 -27.17 10.08 -6.38
C GLN B 254 -25.73 10.59 -6.11
N CYS B 255 -24.80 9.68 -5.78
CA CYS B 255 -23.42 9.96 -5.37
C CYS B 255 -22.37 9.63 -6.45
N GLY B 256 -22.65 9.91 -7.73
CA GLY B 256 -21.70 9.65 -8.79
C GLY B 256 -20.34 10.20 -8.43
N ALA B 257 -19.31 9.33 -8.44
CA ALA B 257 -17.96 9.65 -7.98
C ALA B 257 -17.06 10.25 -9.08
N ASP B 258 -17.62 10.53 -10.26
CA ASP B 258 -16.86 11.15 -11.35
C ASP B 258 -16.67 12.64 -11.14
N SER B 259 -17.23 13.18 -10.03
CA SER B 259 -17.02 14.58 -9.64
C SER B 259 -15.73 14.69 -8.80
N LEU B 260 -15.00 13.56 -8.57
CA LEU B 260 -13.74 13.59 -7.80
C LEU B 260 -12.59 14.04 -8.67
N SER B 261 -11.60 14.61 -8.03
CA SER B 261 -10.34 14.97 -8.67
C SER B 261 -9.72 13.69 -9.27
N GLY B 262 -9.15 13.83 -10.46
CA GLY B 262 -8.47 12.74 -11.14
C GLY B 262 -9.35 11.68 -11.78
N ASP B 263 -10.65 11.98 -11.94
CA ASP B 263 -11.54 11.02 -12.61
C ASP B 263 -11.13 10.93 -14.07
N ARG B 264 -11.15 9.71 -14.63
CA ARG B 264 -10.78 9.44 -16.03
CA ARG B 264 -10.76 9.46 -16.03
C ARG B 264 -11.58 10.28 -17.01
N LEU B 265 -12.88 10.51 -16.72
CA LEU B 265 -13.77 11.26 -17.61
C LEU B 265 -14.13 12.65 -17.12
N GLY B 266 -14.12 12.87 -15.81
CA GLY B 266 -14.49 14.14 -15.19
C GLY B 266 -13.40 15.19 -15.17
N CYS B 267 -13.78 16.41 -14.83
CA CYS B 267 -12.86 17.57 -14.81
C CYS B 267 -13.12 18.44 -13.60
N PHE B 268 -13.56 17.82 -12.48
CA PHE B 268 -13.73 18.52 -11.21
C PHE B 268 -12.52 18.22 -10.30
N ASN B 269 -12.44 18.89 -9.15
CA ASN B 269 -11.31 18.74 -8.26
C ASN B 269 -11.73 18.50 -6.81
N LEU B 270 -12.79 17.69 -6.61
CA LEU B 270 -13.21 17.41 -5.22
C LEU B 270 -12.37 16.29 -4.64
N THR B 271 -12.19 16.26 -3.32
CA THR B 271 -11.56 15.13 -2.66
C THR B 271 -12.73 14.24 -2.19
N VAL B 272 -12.44 13.08 -1.59
CA VAL B 272 -13.49 12.24 -1.01
C VAL B 272 -14.22 12.99 0.14
N LYS B 273 -13.49 13.82 0.92
CA LYS B 273 -14.13 14.59 2.00
C LYS B 273 -15.13 15.63 1.48
N GLY B 274 -14.77 16.31 0.42
CA GLY B 274 -15.65 17.32 -0.18
C GLY B 274 -16.88 16.69 -0.80
N HIS B 275 -16.71 15.52 -1.40
CA HIS B 275 -17.83 14.79 -1.99
C HIS B 275 -18.72 14.28 -0.84
N ALA B 276 -18.12 13.63 0.19
CA ALA B 276 -18.88 13.09 1.32
C ALA B 276 -19.55 14.14 2.18
N LYS B 277 -19.07 15.39 2.15
CA LYS B 277 -19.70 16.48 2.88
C LYS B 277 -21.16 16.65 2.43
N CYS B 278 -21.45 16.35 1.15
CA CYS B 278 -22.83 16.39 0.65
C CYS B 278 -23.72 15.40 1.40
N VAL B 279 -23.21 14.16 1.65
CA VAL B 279 -23.96 13.15 2.40
C VAL B 279 -24.21 13.65 3.81
N GLU B 280 -23.18 14.20 4.49
CA GLU B 280 -23.31 14.73 5.85
C GLU B 280 -24.41 15.80 5.87
N VAL B 281 -24.34 16.77 4.94
CA VAL B 281 -25.34 17.84 4.86
C VAL B 281 -26.77 17.29 4.72
N VAL B 282 -27.01 16.38 3.77
CA VAL B 282 -28.34 15.80 3.52
C VAL B 282 -28.84 15.06 4.80
N LYS B 283 -27.94 14.34 5.50
CA LYS B 283 -28.31 13.62 6.74
C LYS B 283 -28.85 14.51 7.86
N THR B 284 -28.35 15.75 7.98
CA THR B 284 -28.76 16.69 9.05
C THR B 284 -30.26 16.97 9.02
N PHE B 285 -30.92 16.73 7.88
CA PHE B 285 -32.37 16.97 7.76
C PHE B 285 -33.24 15.84 8.33
N ASN B 286 -32.61 14.70 8.71
CA ASN B 286 -33.29 13.56 9.34
C ASN B 286 -34.48 13.06 8.55
N LEU B 287 -34.31 12.92 7.23
CA LEU B 287 -35.36 12.41 6.37
C LEU B 287 -34.95 11.04 5.84
N PRO B 288 -35.91 10.09 5.64
CA PRO B 288 -35.58 8.80 5.00
C PRO B 288 -34.74 9.10 3.75
N LEU B 289 -33.62 8.41 3.64
CA LEU B 289 -32.65 8.71 2.58
C LEU B 289 -32.19 7.47 1.81
N LEU B 290 -32.28 7.55 0.46
CA LEU B 290 -31.81 6.48 -0.40
C LEU B 290 -30.53 7.01 -1.09
N MET B 291 -29.40 6.35 -0.85
CA MET B 291 -28.09 6.75 -1.39
C MET B 291 -27.72 5.79 -2.49
N LEU B 292 -27.44 6.33 -3.68
CA LEU B 292 -27.15 5.56 -4.89
C LEU B 292 -25.80 5.90 -5.50
N GLY B 293 -25.28 4.97 -6.32
CA GLY B 293 -24.04 5.17 -7.07
C GLY B 293 -24.21 6.11 -8.26
N GLY B 294 -23.48 5.82 -9.34
CA GLY B 294 -23.55 6.61 -10.55
C GLY B 294 -22.24 6.45 -11.31
N GLY B 295 -21.77 7.53 -11.90
CA GLY B 295 -20.50 7.49 -12.63
C GLY B 295 -19.33 7.41 -11.67
N GLY B 296 -18.12 7.41 -12.20
CA GLY B 296 -16.88 7.26 -11.41
C GLY B 296 -16.05 6.27 -12.17
N TYR B 297 -14.94 6.75 -12.71
CA TYR B 297 -14.09 6.04 -13.66
C TYR B 297 -12.62 5.81 -13.28
N THR B 298 -12.16 6.37 -12.15
CA THR B 298 -10.84 6.07 -11.57
CA THR B 298 -10.84 6.08 -11.57
C THR B 298 -11.24 5.18 -10.42
N ILE B 299 -11.30 3.89 -10.70
CA ILE B 299 -11.90 2.91 -9.81
C ILE B 299 -11.42 2.87 -8.39
N ARG B 300 -10.12 3.09 -8.18
CA ARG B 300 -9.62 3.13 -6.80
C ARG B 300 -10.27 4.27 -6.03
N ASN B 301 -10.52 5.40 -6.73
CA ASN B 301 -11.14 6.58 -6.10
C ASN B 301 -12.62 6.39 -5.85
N VAL B 302 -13.31 5.67 -6.74
CA VAL B 302 -14.75 5.32 -6.55
C VAL B 302 -14.87 4.45 -5.27
N ALA B 303 -14.01 3.39 -5.13
CA ALA B 303 -14.03 2.52 -3.93
C ALA B 303 -13.79 3.33 -2.67
N ARG B 304 -12.80 4.26 -2.67
CA ARG B 304 -12.54 5.10 -1.49
C ARG B 304 -13.79 5.97 -1.15
N CYS B 305 -14.33 6.63 -2.18
CA CYS B 305 -15.48 7.56 -2.07
C CYS B 305 -16.70 6.89 -1.45
N TRP B 306 -17.12 5.77 -2.05
CA TRP B 306 -18.33 5.06 -1.58
C TRP B 306 -18.14 4.33 -0.25
N THR B 307 -16.88 3.90 0.04
CA THR B 307 -16.56 3.31 1.32
C THR B 307 -16.73 4.39 2.39
N TYR B 308 -16.13 5.56 2.17
CA TYR B 308 -16.23 6.64 3.15
C TYR B 308 -17.67 7.12 3.34
N GLU B 309 -18.44 7.23 2.24
CA GLU B 309 -19.83 7.67 2.34
C GLU B 309 -20.70 6.65 3.05
N THR B 310 -20.32 5.36 2.97
CA THR B 310 -21.03 4.33 3.75
C THR B 310 -20.73 4.60 5.27
N ALA B 311 -19.48 4.90 5.63
CA ALA B 311 -19.10 5.24 7.02
C ALA B 311 -19.86 6.49 7.49
N VAL B 312 -20.00 7.50 6.59
CA VAL B 312 -20.75 8.73 6.90
C VAL B 312 -22.21 8.37 7.20
N ALA B 313 -22.82 7.51 6.35
CA ALA B 313 -24.21 7.04 6.55
C ALA B 313 -24.34 6.35 7.93
N LEU B 314 -23.31 5.60 8.34
CA LEU B 314 -23.27 4.89 9.63
C LEU B 314 -22.87 5.79 10.79
N ASP B 315 -22.65 7.07 10.52
CA ASP B 315 -22.24 8.06 11.53
C ASP B 315 -20.97 7.62 12.26
N CYS B 316 -19.97 7.15 11.51
CA CYS B 316 -18.72 6.76 12.14
C CYS B 316 -17.55 7.12 11.29
N GLU B 317 -16.38 7.22 11.94
CA GLU B 317 -15.16 7.51 11.22
C GLU B 317 -14.39 6.24 11.01
N ILE B 318 -13.54 6.25 10.02
CA ILE B 318 -12.68 5.11 9.69
C ILE B 318 -11.27 5.67 9.45
N PRO B 319 -10.21 4.88 9.74
CA PRO B 319 -8.84 5.43 9.57
C PRO B 319 -8.46 5.72 8.13
N ASN B 320 -7.54 6.67 7.96
CA ASN B 320 -7.02 6.99 6.64
C ASN B 320 -6.21 5.80 6.12
N GLU B 321 -5.58 5.08 7.04
CA GLU B 321 -4.76 3.91 6.72
C GLU B 321 -5.70 2.80 6.17
N LEU B 322 -5.55 2.46 4.89
CA LEU B 322 -6.45 1.42 4.34
C LEU B 322 -6.18 0.07 4.97
N PRO B 323 -7.23 -0.73 5.32
CA PRO B 323 -6.95 -2.06 5.85
C PRO B 323 -6.53 -2.94 4.68
N TYR B 324 -5.87 -4.07 4.95
CA TYR B 324 -5.57 -4.96 3.84
C TYR B 324 -6.89 -5.42 3.22
N ASN B 325 -6.92 -5.62 1.91
CA ASN B 325 -8.11 -6.07 1.20
C ASN B 325 -7.71 -6.78 -0.10
N ASP B 326 -8.68 -7.40 -0.79
CA ASP B 326 -8.49 -8.16 -2.03
C ASP B 326 -7.85 -7.39 -3.18
N TYR B 327 -7.97 -6.04 -3.16
CA TYR B 327 -7.48 -5.16 -4.22
C TYR B 327 -6.50 -4.13 -3.65
N PHE B 328 -5.75 -4.51 -2.62
CA PHE B 328 -4.89 -3.56 -1.91
C PHE B 328 -3.92 -2.81 -2.84
N GLU B 329 -3.36 -3.53 -3.82
CA GLU B 329 -2.42 -2.96 -4.80
C GLU B 329 -3.03 -1.85 -5.67
N TYR B 330 -4.38 -1.78 -5.79
CA TYR B 330 -5.02 -0.73 -6.62
C TYR B 330 -4.92 0.64 -5.97
N PHE B 331 -4.67 0.68 -4.66
CA PHE B 331 -4.64 1.89 -3.85
C PHE B 331 -3.25 2.47 -3.61
N GLY B 332 -2.26 1.97 -4.34
CA GLY B 332 -0.93 2.57 -4.30
C GLY B 332 -0.97 3.93 -4.97
N PRO B 333 0.03 4.81 -4.73
CA PRO B 333 1.26 4.54 -3.96
C PRO B 333 1.18 4.74 -2.45
N ASP B 334 0.09 5.38 -2.02
CA ASP B 334 -0.14 5.81 -0.65
CA ASP B 334 -0.31 5.87 -0.69
C ASP B 334 -0.92 4.84 0.22
N PHE B 335 -1.82 4.01 -0.35
CA PHE B 335 -2.63 3.06 0.43
C PHE B 335 -3.43 3.84 1.51
N LYS B 336 -3.86 5.09 1.17
CA LYS B 336 -4.69 5.93 2.07
C LYS B 336 -6.12 5.98 1.53
N LEU B 337 -7.07 6.24 2.40
CA LEU B 337 -8.47 6.31 2.01
C LEU B 337 -8.73 7.65 1.32
N HIS B 338 -8.24 8.74 1.93
CA HIS B 338 -8.46 10.10 1.46
C HIS B 338 -7.51 10.51 0.32
N ILE B 339 -7.99 11.39 -0.56
CA ILE B 339 -7.21 11.78 -1.72
C ILE B 339 -6.93 13.28 -1.70
N SER B 340 -5.81 13.68 -2.30
CA SER B 340 -5.45 15.08 -2.41
C SER B 340 -6.04 15.71 -3.66
N PRO B 341 -6.37 17.02 -3.64
CA PRO B 341 -6.80 17.64 -4.90
C PRO B 341 -5.57 17.87 -5.80
N SER B 342 -5.80 18.16 -7.08
CA SER B 342 -4.72 18.44 -8.01
C SER B 342 -4.44 19.97 -8.05
N ASN B 343 -3.45 20.38 -8.86
CA ASN B 343 -3.12 21.79 -9.05
C ASN B 343 -3.99 22.43 -10.16
N MET B 344 -4.99 21.70 -10.70
CA MET B 344 -5.83 22.23 -11.79
C MET B 344 -6.53 23.54 -11.40
N THR B 345 -6.64 24.47 -12.38
CA THR B 345 -7.29 25.75 -12.07
C THR B 345 -8.78 25.53 -11.77
N ASN B 346 -9.30 26.22 -10.75
CA ASN B 346 -10.73 26.25 -10.46
C ASN B 346 -11.31 27.38 -11.35
N GLN B 347 -12.02 27.03 -12.43
CA GLN B 347 -12.63 28.05 -13.32
C GLN B 347 -13.90 28.73 -12.75
N ASN B 348 -14.36 28.24 -11.60
CA ASN B 348 -15.51 28.73 -10.84
C ASN B 348 -15.10 29.83 -9.89
N THR B 349 -15.16 31.07 -10.37
CA THR B 349 -14.79 32.21 -9.50
C THR B 349 -15.77 32.32 -8.34
N PRO B 350 -15.36 32.94 -7.20
CA PRO B 350 -16.31 33.12 -6.09
C PRO B 350 -17.55 33.90 -6.52
N GLU B 351 -17.39 34.91 -7.42
CA GLU B 351 -18.52 35.72 -7.89
C GLU B 351 -19.46 34.89 -8.76
N TYR B 352 -18.91 34.03 -9.64
CA TYR B 352 -19.72 33.14 -10.49
C TYR B 352 -20.61 32.24 -9.58
N MET B 353 -20.00 31.63 -8.57
CA MET B 353 -20.70 30.72 -7.63
C MET B 353 -21.84 31.42 -6.92
N GLU B 354 -21.59 32.64 -6.40
CA GLU B 354 -22.61 33.39 -5.67
C GLU B 354 -23.66 33.94 -6.59
N LYS B 355 -23.27 34.40 -7.79
CA LYS B 355 -24.28 34.88 -8.75
C LYS B 355 -25.25 33.73 -9.13
N ILE B 356 -24.72 32.51 -9.44
CA ILE B 356 -25.62 31.38 -9.76
C ILE B 356 -26.51 31.03 -8.57
N LYS B 357 -25.93 30.95 -7.36
CA LYS B 357 -26.66 30.64 -6.13
C LYS B 357 -27.82 31.66 -5.94
N GLN B 358 -27.57 32.94 -6.19
CA GLN B 358 -28.58 33.98 -6.09
C GLN B 358 -29.71 33.80 -7.08
N ARG B 359 -29.40 33.45 -8.35
CA ARG B 359 -30.42 33.18 -9.36
C ARG B 359 -31.31 31.97 -8.97
N LEU B 360 -30.68 30.90 -8.41
CA LEU B 360 -31.43 29.72 -7.93
C LEU B 360 -32.29 30.07 -6.71
N PHE B 361 -31.77 30.92 -5.79
CA PHE B 361 -32.54 31.35 -4.63
CA PHE B 361 -32.54 31.34 -4.63
C PHE B 361 -33.80 32.11 -5.07
N GLU B 362 -33.68 32.91 -6.16
CA GLU B 362 -34.82 33.67 -6.73
C GLU B 362 -35.90 32.70 -7.21
N ASN B 363 -35.47 31.60 -7.87
CA ASN B 363 -36.40 30.56 -8.34
C ASN B 363 -37.05 29.83 -7.16
N LEU B 364 -36.28 29.53 -6.11
CA LEU B 364 -36.79 28.83 -4.94
C LEU B 364 -37.81 29.64 -4.16
N ARG B 365 -37.63 30.96 -4.17
CA ARG B 365 -38.55 31.90 -3.50
C ARG B 365 -39.92 31.91 -4.17
N MET B 366 -39.98 31.47 -5.44
CA MET B 366 -41.22 31.35 -6.22
C MET B 366 -42.12 30.16 -5.82
N LEU B 367 -41.64 29.21 -4.98
CA LEU B 367 -42.47 28.06 -4.53
C LEU B 367 -43.62 28.55 -3.61
N PRO B 368 -44.85 27.99 -3.76
CA PRO B 368 -45.95 28.41 -2.87
C PRO B 368 -45.87 27.76 -1.49
N LYS C 2 17.16 40.12 -4.81
CA LYS C 2 16.11 39.88 -5.81
C LYS C 2 15.26 38.64 -5.49
N LYS C 3 15.87 37.63 -4.83
CA LYS C 3 15.10 36.44 -4.47
C LYS C 3 14.40 36.66 -3.12
N LYS C 4 13.12 36.27 -3.04
CA LYS C 4 12.29 36.41 -1.85
C LYS C 4 12.47 35.18 -0.93
N VAL C 5 12.57 35.45 0.38
CA VAL C 5 12.76 34.44 1.43
C VAL C 5 11.63 34.59 2.47
N CYS C 6 10.87 33.52 2.71
CA CYS C 6 9.85 33.46 3.77
C CYS C 6 10.37 32.54 4.84
N TYR C 7 10.21 32.93 6.10
CA TYR C 7 10.80 32.23 7.22
C TYR C 7 9.75 31.88 8.26
N TYR C 8 9.75 30.61 8.71
CA TYR C 8 8.73 30.08 9.62
C TYR C 8 9.25 29.81 10.98
N TYR C 9 8.59 30.42 11.98
CA TYR C 9 9.01 30.29 13.36
C TYR C 9 7.86 30.58 14.30
N ASP C 10 7.75 29.78 15.37
CA ASP C 10 6.78 29.97 16.43
C ASP C 10 7.58 30.16 17.72
N GLY C 11 7.32 31.27 18.42
CA GLY C 11 8.01 31.66 19.65
C GLY C 11 8.02 30.64 20.78
N ASP C 12 7.09 29.67 20.76
CA ASP C 12 7.00 28.61 21.76
C ASP C 12 7.97 27.47 21.49
N ILE C 13 8.47 27.34 20.23
CA ILE C 13 9.34 26.22 19.84
C ILE C 13 10.47 25.90 20.81
N GLY C 14 11.15 26.93 21.30
CA GLY C 14 12.28 26.78 22.20
C GLY C 14 11.95 26.30 23.59
N ASN C 15 10.64 26.24 23.94
CA ASN C 15 10.20 25.78 25.25
C ASN C 15 10.02 24.29 25.38
N TYR C 16 9.94 23.57 24.23
CA TYR C 16 9.81 22.12 24.23
C TYR C 16 11.11 21.51 24.68
N TYR C 17 11.02 20.60 25.65
CA TYR C 17 12.17 20.03 26.31
C TYR C 17 12.14 18.52 26.28
N TYR C 18 13.17 17.91 25.65
CA TYR C 18 13.28 16.44 25.51
C TYR C 18 13.59 15.71 26.81
N GLY C 19 14.07 16.43 27.82
CA GLY C 19 14.42 15.85 29.13
C GLY C 19 15.87 16.09 29.47
N GLN C 20 16.21 15.98 30.78
CA GLN C 20 17.58 16.19 31.26
C GLN C 20 18.54 15.20 30.61
N GLY C 21 19.65 15.71 30.08
CA GLY C 21 20.66 14.88 29.46
C GLY C 21 20.43 14.60 27.98
N HIS C 22 19.22 14.87 27.47
CA HIS C 22 18.97 14.60 26.06
C HIS C 22 19.68 15.62 25.16
N PRO C 23 20.45 15.17 24.14
CA PRO C 23 21.18 16.13 23.28
C PRO C 23 20.31 17.00 22.40
N MET C 24 19.09 16.53 22.06
CA MET C 24 18.21 17.31 21.21
C MET C 24 17.62 18.48 22.01
N LYS C 25 17.97 19.73 21.60
CA LYS C 25 17.56 20.97 22.29
C LYS C 25 16.77 21.90 21.39
N PRO C 26 15.42 21.89 21.44
CA PRO C 26 14.64 22.83 20.61
C PRO C 26 15.01 24.30 20.88
N HIS C 27 15.59 24.60 22.05
CA HIS C 27 16.08 25.94 22.42
C HIS C 27 17.08 26.49 21.36
N ARG C 28 17.82 25.58 20.67
CA ARG C 28 18.78 25.99 19.63
C ARG C 28 18.11 26.77 18.48
N ILE C 29 16.81 26.51 18.22
CA ILE C 29 16.06 27.22 17.17
C ILE C 29 15.79 28.66 17.63
N ARG C 30 15.51 28.86 18.94
CA ARG C 30 15.25 30.22 19.48
C ARG C 30 16.56 31.04 19.45
N MET C 31 17.70 30.39 19.73
CA MET C 31 19.05 30.97 19.70
C MET C 31 19.36 31.44 18.30
N THR C 32 19.00 30.61 17.29
CA THR C 32 19.18 30.93 15.87
C THR C 32 18.34 32.16 15.56
N HIS C 33 17.03 32.10 15.93
CA HIS C 33 16.09 33.19 15.65
C HIS C 33 16.58 34.53 16.25
N ASN C 34 17.01 34.47 17.50
CA ASN C 34 17.46 35.68 18.20
C ASN C 34 18.74 36.25 17.58
N LEU C 35 19.69 35.38 17.21
CA LEU C 35 20.94 35.82 16.58
C LEU C 35 20.64 36.50 15.24
N LEU C 36 19.77 35.88 14.40
CA LEU C 36 19.39 36.47 13.12
C LEU C 36 18.57 37.77 13.18
N LEU C 37 17.75 37.95 14.25
CA LEU C 37 17.01 39.20 14.46
C LEU C 37 18.02 40.32 14.79
N ASN C 38 19.03 40.00 15.64
CA ASN C 38 20.08 40.93 16.04
C ASN C 38 21.05 41.33 14.92
N TYR C 39 21.15 40.50 13.87
CA TYR C 39 21.95 40.78 12.68
C TYR C 39 21.12 41.67 11.73
N GLY C 40 19.82 41.81 12.04
CA GLY C 40 18.89 42.62 11.26
C GLY C 40 18.35 41.93 10.02
N LEU C 41 18.45 40.58 9.96
CA LEU C 41 17.98 39.80 8.81
C LEU C 41 16.46 39.81 8.62
N TYR C 42 15.71 40.13 9.70
CA TYR C 42 14.25 40.26 9.68
C TYR C 42 13.77 41.39 8.75
N ARG C 43 14.66 42.38 8.48
CA ARG C 43 14.35 43.50 7.61
C ARG C 43 14.28 43.09 6.14
N LYS C 44 14.93 41.97 5.79
CA LYS C 44 15.05 41.45 4.43
C LYS C 44 14.16 40.25 4.09
N MET C 45 13.46 39.67 5.09
CA MET C 45 12.60 38.51 4.82
C MET C 45 11.23 38.55 5.49
N GLU C 46 10.24 37.86 4.89
CA GLU C 46 8.92 37.79 5.48
C GLU C 46 8.92 36.70 6.56
N ILE C 47 8.57 37.06 7.80
CA ILE C 47 8.55 36.14 8.93
C ILE C 47 7.12 35.73 9.24
N TYR C 48 6.87 34.40 9.29
CA TYR C 48 5.52 33.89 9.56
C TYR C 48 5.48 32.95 10.73
N ARG C 49 4.37 33.01 11.49
CA ARG C 49 4.14 32.06 12.58
C ARG C 49 3.35 30.94 11.91
N PRO C 50 3.89 29.71 11.84
CA PRO C 50 3.15 28.66 11.12
C PRO C 50 1.95 28.12 11.90
N HIS C 51 0.94 27.64 11.18
CA HIS C 51 -0.24 26.98 11.75
C HIS C 51 0.29 25.64 12.34
N LYS C 52 -0.37 25.11 13.37
CA LYS C 52 -0.01 23.79 13.89
C LYS C 52 -0.55 22.76 12.88
N ALA C 53 0.29 21.84 12.36
CA ALA C 53 -0.22 20.83 11.41
C ALA C 53 -1.25 19.96 12.13
N THR C 54 -2.39 19.64 11.50
CA THR C 54 -3.38 18.82 12.20
C THR C 54 -2.98 17.34 12.22
N ALA C 55 -3.59 16.55 13.12
CA ALA C 55 -3.41 15.12 13.20
C ALA C 55 -3.81 14.51 11.84
N GLU C 56 -4.91 15.05 11.22
CA GLU C 56 -5.40 14.59 9.91
C GLU C 56 -4.33 14.77 8.84
N GLU C 57 -3.70 15.95 8.81
CA GLU C 57 -2.59 16.28 7.89
C GLU C 57 -1.45 15.27 8.03
N MET C 58 -1.09 14.92 9.28
CA MET C 58 0.00 13.97 9.55
C MET C 58 -0.31 12.58 8.99
N THR C 59 -1.62 12.18 8.98
CA THR C 59 -2.08 10.89 8.42
C THR C 59 -2.03 10.81 6.90
N LYS C 60 -1.61 11.90 6.21
CA LYS C 60 -1.39 11.78 4.75
C LYS C 60 -0.21 10.80 4.54
N TYR C 61 0.68 10.69 5.56
CA TYR C 61 1.82 9.77 5.50
C TYR C 61 1.79 8.75 6.63
N HIS C 62 1.76 9.25 7.88
CA HIS C 62 1.81 8.38 9.05
C HIS C 62 0.51 7.60 9.24
N SER C 63 0.62 6.42 9.89
CA SER C 63 -0.54 5.57 10.18
C SER C 63 -1.39 6.26 11.25
N ASP C 64 -2.70 6.00 11.24
CA ASP C 64 -3.64 6.56 12.21
C ASP C 64 -3.29 6.12 13.62
N GLU C 65 -2.95 4.83 13.83
CA GLU C 65 -2.62 4.30 15.15
C GLU C 65 -1.38 4.99 15.71
N TYR C 66 -0.38 5.28 14.84
CA TYR C 66 0.84 5.95 15.29
C TYR C 66 0.56 7.41 15.69
N ILE C 67 -0.22 8.13 14.87
CA ILE C 67 -0.55 9.53 15.19
C ILE C 67 -1.44 9.60 16.43
N LYS C 68 -2.39 8.66 16.56
CA LYS C 68 -3.30 8.62 17.76
C LYS C 68 -2.45 8.43 19.02
N PHE C 69 -1.46 7.53 18.95
CA PHE C 69 -0.53 7.27 20.06
C PHE C 69 0.23 8.56 20.42
N LEU C 70 0.83 9.24 19.42
CA LEU C 70 1.58 10.49 19.63
C LEU C 70 0.73 11.55 20.29
N ARG C 71 -0.55 11.61 19.90
CA ARG C 71 -1.54 12.56 20.43
CA ARG C 71 -1.51 12.58 20.43
C ARG C 71 -1.93 12.20 21.87
N SER C 72 -1.84 10.92 22.22
CA SER C 72 -2.28 10.38 23.51
C SER C 72 -1.24 10.22 24.59
N ILE C 73 -0.01 9.87 24.23
CA ILE C 73 1.07 9.58 25.17
C ILE C 73 1.49 10.78 26.03
N ARG C 74 1.65 10.56 27.35
CA ARG C 74 2.03 11.62 28.28
C ARG C 74 3.05 11.04 29.25
N PRO C 75 3.98 11.82 29.83
CA PRO C 75 4.92 11.23 30.79
C PRO C 75 4.24 10.42 31.92
N ASP C 76 3.02 10.82 32.33
CA ASP C 76 2.30 10.16 33.45
C ASP C 76 1.37 9.01 33.08
N ASN C 77 1.33 8.59 31.81
CA ASN C 77 0.44 7.49 31.41
C ASN C 77 1.16 6.37 30.66
N MET C 78 2.50 6.45 30.55
CA MET C 78 3.33 5.46 29.85
C MET C 78 3.09 3.99 30.20
N SER C 79 2.69 3.67 31.46
CA SER C 79 2.40 2.31 31.94
C SER C 79 1.29 1.65 31.14
N GLU C 80 0.28 2.44 30.73
CA GLU C 80 -0.85 2.02 29.92
C GLU C 80 -0.46 1.75 28.48
N TYR C 81 0.64 2.39 27.99
CA TYR C 81 1.06 2.32 26.59
C TYR C 81 2.35 1.56 26.30
N SER C 82 2.79 0.63 27.19
CA SER C 82 4.03 -0.12 26.99
C SER C 82 4.12 -0.88 25.66
N LYS C 83 3.03 -1.55 25.24
CA LYS C 83 2.99 -2.29 23.99
C LYS C 83 3.09 -1.34 22.78
N GLN C 84 2.37 -0.19 22.87
CA GLN C 84 2.36 0.85 21.85
CA GLN C 84 2.40 0.82 21.81
C GLN C 84 3.74 1.51 21.77
N MET C 85 4.40 1.69 22.93
CA MET C 85 5.73 2.31 22.97
C MET C 85 6.76 1.43 22.25
N GLN C 86 6.65 0.10 22.40
CA GLN C 86 7.54 -0.84 21.70
C GLN C 86 7.20 -0.84 20.22
N ARG C 87 5.91 -0.88 19.87
CA ARG C 87 5.48 -0.87 18.47
C ARG C 87 5.96 0.37 17.72
N PHE C 88 5.89 1.54 18.37
CA PHE C 88 6.21 2.80 17.69
C PHE C 88 7.59 3.35 17.99
N ASN C 89 8.40 2.59 18.77
CA ASN C 89 9.79 2.94 19.17
C ASN C 89 9.87 4.28 19.89
N VAL C 90 8.98 4.48 20.89
CA VAL C 90 8.95 5.72 21.66
C VAL C 90 9.30 5.34 23.09
N GLY C 91 10.17 6.14 23.71
CA GLY C 91 10.61 5.93 25.08
C GLY C 91 12.10 5.75 25.27
N GLU C 92 12.86 5.57 24.17
CA GLU C 92 14.32 5.36 24.24
C GLU C 92 15.03 6.59 23.67
N ASP C 93 15.52 6.56 22.40
CA ASP C 93 16.13 7.75 21.80
C ASP C 93 15.09 8.86 21.66
N CYS C 94 13.82 8.48 21.48
CA CYS C 94 12.69 9.38 21.28
C CYS C 94 11.83 9.37 22.56
N PRO C 95 12.19 10.19 23.56
CA PRO C 95 11.42 10.16 24.83
C PRO C 95 10.01 10.73 24.72
N VAL C 96 9.19 10.41 25.74
CA VAL C 96 7.88 10.99 25.91
C VAL C 96 8.16 12.29 26.70
N PHE C 97 7.74 13.44 26.20
CA PHE C 97 7.91 14.67 26.94
C PHE C 97 6.66 15.52 26.84
N ASP C 98 6.51 16.49 27.77
CA ASP C 98 5.35 17.36 27.81
C ASP C 98 5.27 18.18 26.55
N GLY C 99 4.12 18.13 25.88
CA GLY C 99 3.93 18.90 24.66
C GLY C 99 4.53 18.27 23.42
N LEU C 100 4.89 16.97 23.50
CA LEU C 100 5.45 16.19 22.38
C LEU C 100 4.63 16.38 21.09
N PHE C 101 3.30 16.22 21.17
CA PHE C 101 2.45 16.36 19.99
C PHE C 101 2.48 17.76 19.43
N GLU C 102 2.37 18.80 20.29
CA GLU C 102 2.39 20.19 19.80
C GLU C 102 3.74 20.55 19.16
N PHE C 103 4.83 19.97 19.65
CA PHE C 103 6.16 20.21 19.05
C PHE C 103 6.15 19.66 17.61
N CYS C 104 5.65 18.43 17.43
CA CYS C 104 5.50 17.80 16.10
C CYS C 104 4.62 18.65 15.18
N GLN C 105 3.50 19.21 15.72
CA GLN C 105 2.59 20.06 14.95
C GLN C 105 3.26 21.35 14.46
N LEU C 106 4.12 21.95 15.31
CA LEU C 106 4.79 23.20 14.94
C LEU C 106 5.92 22.95 13.96
N SER C 107 6.74 21.91 14.22
CA SER C 107 7.83 21.46 13.37
C SER C 107 7.25 21.18 11.97
N THR C 108 6.16 20.39 11.91
CA THR C 108 5.48 20.03 10.66
C THR C 108 4.79 21.21 9.99
N GLY C 109 4.04 21.99 10.77
CA GLY C 109 3.33 23.17 10.27
C GLY C 109 4.25 24.11 9.49
N GLY C 110 5.46 24.34 10.01
CA GLY C 110 6.41 25.22 9.33
C GLY C 110 6.87 24.69 8.00
N SER C 111 7.12 23.36 7.91
CA SER C 111 7.57 22.72 6.67
C SER C 111 6.48 22.73 5.60
N VAL C 112 5.25 22.33 5.98
CA VAL C 112 4.09 22.30 5.07
C VAL C 112 3.74 23.73 4.61
N ALA C 113 3.72 24.73 5.55
CA ALA C 113 3.40 26.13 5.19
C ALA C 113 4.41 26.65 4.15
N GLY C 114 5.68 26.31 4.35
CA GLY C 114 6.74 26.67 3.41
C GLY C 114 6.48 26.08 2.03
N ALA C 115 6.07 24.81 1.99
CA ALA C 115 5.79 24.11 0.73
C ALA C 115 4.59 24.79 0.05
N VAL C 116 3.54 25.14 0.82
CA VAL C 116 2.35 25.81 0.26
C VAL C 116 2.77 27.16 -0.37
N LYS C 117 3.60 27.92 0.35
CA LYS C 117 4.06 29.24 -0.12
C LYS C 117 4.84 29.15 -1.44
N LEU C 118 5.66 28.08 -1.60
CA LEU C 118 6.43 27.83 -2.82
C LEU C 118 5.51 27.38 -3.95
N ASN C 119 4.52 26.53 -3.63
CA ASN C 119 3.55 26.06 -4.63
C ASN C 119 2.74 27.24 -5.17
N ARG C 120 2.42 28.21 -4.32
CA ARG C 120 1.64 29.40 -4.69
C ARG C 120 2.48 30.43 -5.42
N GLN C 121 3.80 30.19 -5.56
CA GLN C 121 4.77 31.06 -6.25
C GLN C 121 4.79 32.44 -5.57
N GLN C 122 4.74 32.43 -4.24
CA GLN C 122 4.71 33.65 -3.43
C GLN C 122 6.06 33.87 -2.75
N THR C 123 7.02 32.94 -2.97
CA THR C 123 8.38 33.01 -2.43
C THR C 123 9.30 32.18 -3.30
N ASP C 124 10.60 32.49 -3.25
CA ASP C 124 11.62 31.75 -3.99
C ASP C 124 12.19 30.70 -3.07
N MET C 125 12.35 31.07 -1.77
CA MET C 125 12.85 30.21 -0.71
C MET C 125 11.94 30.30 0.50
N ALA C 126 11.77 29.17 1.21
CA ALA C 126 11.05 29.08 2.46
C ALA C 126 12.02 28.39 3.44
N VAL C 127 12.04 28.85 4.69
CA VAL C 127 12.95 28.35 5.72
C VAL C 127 12.19 27.91 6.96
N ASN C 128 12.48 26.72 7.47
CA ASN C 128 11.88 26.19 8.69
C ASN C 128 12.94 25.43 9.46
N TRP C 129 13.67 26.14 10.33
CA TRP C 129 14.73 25.51 11.12
C TRP C 129 14.22 24.49 12.17
N ALA C 130 12.92 24.54 12.49
CA ALA C 130 12.31 23.58 13.42
C ALA C 130 11.94 22.25 12.71
N GLY C 131 12.09 22.21 11.39
CA GLY C 131 11.83 21.02 10.59
C GLY C 131 13.09 20.24 10.25
N GLY C 132 12.99 19.29 9.30
CA GLY C 132 14.11 18.45 8.87
C GLY C 132 14.30 17.17 9.69
N LEU C 133 13.21 16.71 10.31
CA LEU C 133 13.27 15.53 11.17
C LEU C 133 13.15 14.23 10.35
N HIS C 134 14.23 14.00 9.58
CA HIS C 134 14.36 12.99 8.55
C HIS C 134 14.19 11.52 8.89
N HIS C 135 14.30 11.10 10.16
CA HIS C 135 14.20 9.66 10.49
C HIS C 135 12.80 9.11 10.68
N ALA C 136 11.81 9.97 10.99
CA ALA C 136 10.47 9.46 11.29
C ALA C 136 9.89 8.64 10.13
N LYS C 137 9.35 7.44 10.44
CA LYS C 137 8.75 6.51 9.48
C LYS C 137 7.22 6.49 9.59
N LYS C 138 6.52 5.75 8.70
CA LYS C 138 5.05 5.73 8.69
C LYS C 138 4.50 5.42 10.08
N SER C 139 5.08 4.44 10.78
CA SER C 139 4.56 4.07 12.10
C SER C 139 5.68 3.82 13.10
N GLU C 140 6.70 4.69 13.08
CA GLU C 140 7.82 4.55 13.97
C GLU C 140 8.60 5.86 14.14
N ALA C 141 8.85 6.21 15.41
CA ALA C 141 9.75 7.30 15.80
C ALA C 141 11.16 6.72 15.70
N SER C 142 12.15 7.58 15.46
CA SER C 142 13.52 7.16 15.31
C SER C 142 14.44 8.39 15.40
N GLY C 143 15.62 8.23 16.00
CA GLY C 143 16.63 9.29 16.07
C GLY C 143 16.14 10.69 16.41
N PHE C 144 15.33 10.80 17.49
CA PHE C 144 14.78 12.06 18.02
C PHE C 144 13.68 12.71 17.12
N CYS C 145 13.24 11.99 16.06
CA CYS C 145 12.23 12.43 15.08
C CYS C 145 10.94 11.66 15.31
N TYR C 146 9.78 12.34 15.31
CA TYR C 146 8.52 11.59 15.55
C TYR C 146 7.60 11.69 14.35
N VAL C 147 7.48 12.89 13.78
CA VAL C 147 6.66 13.13 12.59
C VAL C 147 7.57 13.63 11.48
N ASN C 148 7.47 12.99 10.33
CA ASN C 148 8.32 13.34 9.20
C ASN C 148 7.80 14.54 8.46
N ASP C 149 8.15 15.73 8.98
CA ASP C 149 7.72 17.01 8.38
C ASP C 149 8.21 17.13 6.92
N ILE C 150 9.38 16.53 6.62
CA ILE C 150 9.97 16.57 5.28
C ILE C 150 9.07 15.87 4.26
N VAL C 151 8.74 14.60 4.52
CA VAL C 151 7.85 13.79 3.68
C VAL C 151 6.53 14.54 3.48
N LEU C 152 5.96 15.08 4.56
CA LEU C 152 4.69 15.83 4.47
C LEU C 152 4.83 17.09 3.61
N ALA C 153 5.94 17.84 3.74
CA ALA C 153 6.17 19.02 2.89
C ALA C 153 6.36 18.59 1.43
N ILE C 154 7.06 17.43 1.21
CA ILE C 154 7.29 16.96 -0.17
C ILE C 154 5.97 16.51 -0.80
N LEU C 155 5.12 15.81 -0.04
CA LEU C 155 3.79 15.42 -0.56
C LEU C 155 3.04 16.68 -1.02
N GLU C 156 3.13 17.78 -0.26
CA GLU C 156 2.50 19.06 -0.64
C GLU C 156 3.12 19.61 -1.93
N LEU C 157 4.47 19.60 -2.03
CA LEU C 157 5.17 20.07 -3.25
C LEU C 157 4.78 19.26 -4.47
N LEU C 158 4.59 17.95 -4.30
CA LEU C 158 4.20 17.04 -5.38
C LEU C 158 2.87 17.36 -6.05
N LYS C 159 2.02 18.16 -5.37
CA LYS C 159 0.75 18.58 -5.99
C LYS C 159 1.03 19.55 -7.17
N TYR C 160 2.14 20.36 -7.08
CA TYR C 160 2.47 21.41 -8.06
C TYR C 160 3.79 21.16 -8.83
N HIS C 161 4.55 20.13 -8.45
CA HIS C 161 5.84 19.82 -9.02
C HIS C 161 5.92 18.39 -9.45
N GLN C 162 6.26 18.17 -10.74
CA GLN C 162 6.37 16.81 -11.25
C GLN C 162 7.54 16.06 -10.60
N ARG C 163 8.66 16.77 -10.38
CA ARG C 163 9.87 16.19 -9.80
C ARG C 163 10.41 17.07 -8.71
N VAL C 164 10.64 16.45 -7.54
CA VAL C 164 11.19 17.15 -6.37
C VAL C 164 12.52 16.49 -5.99
N LEU C 165 13.54 17.33 -5.74
CA LEU C 165 14.83 16.85 -5.33
C LEU C 165 15.05 17.12 -3.85
N TYR C 166 15.41 16.07 -3.11
CA TYR C 166 15.70 16.14 -1.69
C TYR C 166 17.21 15.95 -1.46
N ILE C 167 17.84 16.94 -0.79
CA ILE C 167 19.27 16.87 -0.47
C ILE C 167 19.41 16.93 1.04
N ASP C 168 20.23 16.05 1.59
CA ASP C 168 20.38 15.89 3.03
C ASP C 168 21.85 15.94 3.42
N ILE C 169 22.29 17.06 4.06
CA ILE C 169 23.70 17.27 4.47
C ILE C 169 23.88 17.08 5.96
N ASP C 170 22.82 16.56 6.60
CA ASP C 170 22.91 16.16 8.02
C ASP C 170 23.98 15.05 8.05
N ILE C 171 24.70 14.88 9.19
CA ILE C 171 25.70 13.80 9.28
C ILE C 171 25.07 12.39 9.18
N HIS C 172 23.77 12.26 9.52
CA HIS C 172 23.09 10.96 9.51
C HIS C 172 22.32 10.76 8.21
N HIS C 173 22.18 9.50 7.80
CA HIS C 173 21.45 9.12 6.59
C HIS C 173 19.97 9.53 6.71
N GLY C 174 19.43 10.16 5.66
CA GLY C 174 18.03 10.56 5.60
C GLY C 174 17.15 9.37 5.27
N ASP C 175 17.15 8.36 6.14
CA ASP C 175 16.42 7.10 5.92
C ASP C 175 14.90 7.20 5.78
N GLY C 176 14.25 8.02 6.62
CA GLY C 176 12.78 8.13 6.59
C GLY C 176 12.26 8.71 5.30
N VAL C 177 12.95 9.73 4.78
CA VAL C 177 12.60 10.42 3.52
C VAL C 177 12.91 9.48 2.35
N GLU C 178 14.10 8.86 2.37
CA GLU C 178 14.49 7.90 1.34
C GLU C 178 13.44 6.76 1.28
N GLU C 179 13.07 6.20 2.43
CA GLU C 179 12.11 5.09 2.45
C GLU C 179 10.76 5.49 1.88
N ALA C 180 10.23 6.67 2.28
CA ALA C 180 8.94 7.18 1.80
C ALA C 180 8.88 7.21 0.27
N PHE C 181 9.97 7.67 -0.37
CA PHE C 181 10.04 7.88 -1.82
C PHE C 181 10.88 6.86 -2.58
N TYR C 182 11.14 5.72 -1.93
CA TYR C 182 12.03 4.67 -2.45
C TYR C 182 11.61 4.07 -3.76
N THR C 183 10.31 4.03 -4.03
CA THR C 183 9.83 3.39 -5.26
C THR C 183 9.25 4.38 -6.24
N THR C 184 9.56 5.68 -6.06
CA THR C 184 9.12 6.70 -7.00
C THR C 184 10.26 7.44 -7.66
N ASP C 185 10.04 7.81 -8.92
CA ASP C 185 10.98 8.64 -9.67
C ASP C 185 10.55 10.11 -9.53
N ARG C 186 9.42 10.37 -8.87
CA ARG C 186 8.92 11.76 -8.71
C ARG C 186 9.63 12.48 -7.59
N VAL C 187 10.40 11.73 -6.80
CA VAL C 187 11.25 12.30 -5.75
C VAL C 187 12.60 11.61 -5.79
N MET C 188 13.69 12.41 -5.95
CA MET C 188 15.02 11.87 -5.88
C MET C 188 15.62 12.28 -4.54
N THR C 189 16.13 11.30 -3.79
CA THR C 189 16.73 11.57 -2.47
C THR C 189 18.22 11.44 -2.57
N VAL C 190 18.94 12.46 -2.08
CA VAL C 190 20.40 12.47 -2.11
C VAL C 190 20.89 12.72 -0.69
N SER C 191 21.59 11.75 -0.13
CA SER C 191 22.11 11.85 1.23
C SER C 191 23.62 11.64 1.30
N PHE C 192 24.30 12.57 1.99
CA PHE C 192 25.74 12.50 2.27
C PHE C 192 25.79 12.25 3.76
N HIS C 193 26.45 11.17 4.20
CA HIS C 193 26.42 10.83 5.63
C HIS C 193 27.52 9.95 6.10
N LYS C 194 27.80 10.00 7.40
CA LYS C 194 28.73 9.06 8.01
C LYS C 194 28.08 7.69 7.93
N TYR C 195 28.87 6.71 7.50
CA TYR C 195 28.38 5.34 7.35
C TYR C 195 29.40 4.36 7.92
N GLY C 196 28.93 3.36 8.66
CA GLY C 196 29.76 2.33 9.28
C GLY C 196 29.72 2.44 10.79
N GLU C 197 29.09 1.46 11.47
CA GLU C 197 28.95 1.44 12.94
C GLU C 197 28.44 2.83 13.40
N TYR C 198 27.36 3.29 12.77
CA TYR C 198 26.81 4.61 13.03
C TYR C 198 25.32 4.63 12.78
N PHE C 199 24.61 5.45 13.56
CA PHE C 199 23.16 5.58 13.42
C PHE C 199 22.79 6.19 12.05
N PRO C 200 21.72 5.72 11.37
CA PRO C 200 20.82 4.59 11.71
C PRO C 200 21.26 3.22 11.20
N GLY C 201 22.36 3.16 10.47
CA GLY C 201 22.88 1.89 9.97
C GLY C 201 22.53 1.62 8.52
N THR C 202 21.84 2.57 7.87
CA THR C 202 21.38 2.46 6.48
C THR C 202 22.12 3.46 5.57
N GLY C 203 21.69 3.56 4.31
CA GLY C 203 22.31 4.47 3.37
C GLY C 203 23.60 3.95 2.76
N ASP C 204 23.64 2.65 2.46
CA ASP C 204 24.78 2.00 1.79
C ASP C 204 24.81 2.52 0.34
N LEU C 205 26.00 2.57 -0.26
CA LEU C 205 26.24 2.96 -1.65
C LEU C 205 25.29 2.19 -2.61
N ARG C 206 25.03 0.90 -2.31
CA ARG C 206 24.16 0.04 -3.13
C ARG C 206 22.64 0.32 -3.02
N ASP C 207 22.23 1.14 -2.03
CA ASP C 207 20.82 1.51 -1.83
C ASP C 207 20.44 2.61 -2.83
N ILE C 208 19.94 2.18 -3.99
CA ILE C 208 19.65 3.09 -5.09
C ILE C 208 18.16 3.22 -5.42
N GLY C 209 17.26 2.62 -4.63
CA GLY C 209 15.84 2.73 -4.97
C GLY C 209 15.28 1.44 -5.56
N ALA C 210 13.96 1.35 -5.75
CA ALA C 210 13.37 0.10 -6.33
C ALA C 210 12.19 0.45 -7.22
N GLY C 211 11.80 -0.45 -8.12
CA GLY C 211 10.72 -0.20 -9.07
C GLY C 211 11.04 1.01 -9.91
N LYS C 212 10.03 1.91 -10.11
CA LYS C 212 10.23 3.16 -10.89
C LYS C 212 11.25 4.10 -10.23
N GLY C 213 11.46 3.94 -8.92
CA GLY C 213 12.43 4.74 -8.16
C GLY C 213 13.85 4.17 -8.24
N LYS C 214 14.09 3.06 -8.99
CA LYS C 214 15.46 2.53 -9.10
C LYS C 214 16.34 3.60 -9.79
N TYR C 215 17.45 4.00 -9.13
CA TYR C 215 18.40 5.05 -9.52
C TYR C 215 17.96 6.44 -9.04
N TYR C 216 16.81 6.50 -8.31
CA TYR C 216 16.29 7.76 -7.77
C TYR C 216 16.56 7.93 -6.24
N ALA C 217 17.38 7.05 -5.66
CA ALA C 217 17.88 7.19 -4.29
C ALA C 217 19.40 7.17 -4.44
N VAL C 218 20.06 8.19 -3.87
CA VAL C 218 21.50 8.37 -4.00
C VAL C 218 22.09 8.45 -2.59
N ASN C 219 23.12 7.64 -2.32
CA ASN C 219 23.79 7.60 -1.03
C ASN C 219 25.29 7.75 -1.18
N PHE C 220 25.87 8.72 -0.45
CA PHE C 220 27.31 8.94 -0.44
C PHE C 220 27.79 8.65 0.98
N PRO C 221 28.15 7.36 1.25
CA PRO C 221 28.61 6.99 2.58
C PRO C 221 30.01 7.55 2.84
N MET C 222 30.23 8.12 4.03
CA MET C 222 31.50 8.76 4.38
C MET C 222 32.10 8.22 5.66
N ARG C 223 33.41 8.38 5.80
CA ARG C 223 34.12 8.00 7.02
C ARG C 223 34.30 9.26 7.91
N ASP C 224 34.84 9.08 9.12
CA ASP C 224 35.10 10.18 10.04
C ASP C 224 36.00 11.28 9.42
N GLY C 225 35.84 12.50 9.93
CA GLY C 225 36.74 13.62 9.66
C GLY C 225 36.71 14.34 8.34
N ILE C 226 35.64 14.15 7.53
CA ILE C 226 35.55 14.89 6.26
C ILE C 226 35.64 16.39 6.53
N ASP C 227 36.42 17.10 5.70
CA ASP C 227 36.65 18.54 5.87
C ASP C 227 36.01 19.37 4.74
N ASP C 228 36.06 20.71 4.84
CA ASP C 228 35.47 21.62 3.87
C ASP C 228 35.85 21.33 2.41
N GLU C 229 37.15 21.15 2.14
CA GLU C 229 37.65 20.90 0.77
C GLU C 229 37.20 19.56 0.19
N SER C 230 37.30 18.47 0.96
CA SER C 230 36.90 17.14 0.49
C SER C 230 35.38 17.09 0.25
N TYR C 231 34.59 17.64 1.18
CA TYR C 231 33.12 17.67 1.07
C TYR C 231 32.68 18.46 -0.15
N GLY C 232 33.16 19.71 -0.24
CA GLY C 232 32.88 20.63 -1.34
C GLY C 232 33.20 20.09 -2.72
N GLN C 233 34.31 19.33 -2.85
CA GLN C 233 34.73 18.72 -4.11
C GLN C 233 33.88 17.50 -4.48
N ILE C 234 33.07 17.00 -3.53
CA ILE C 234 32.14 15.87 -3.73
C ILE C 234 30.76 16.48 -4.01
N PHE C 235 30.30 17.37 -3.11
CA PHE C 235 28.98 17.98 -3.16
C PHE C 235 28.66 18.67 -4.49
N LYS C 236 29.53 19.62 -4.92
CA LYS C 236 29.27 20.35 -6.16
C LYS C 236 29.17 19.46 -7.43
N PRO C 237 30.15 18.59 -7.78
CA PRO C 237 29.99 17.74 -8.99
C PRO C 237 28.76 16.81 -8.90
N ILE C 238 28.49 16.22 -7.73
CA ILE C 238 27.35 15.30 -7.55
C ILE C 238 26.02 16.02 -7.79
N ILE C 239 25.78 17.16 -7.09
CA ILE C 239 24.55 17.92 -7.20
C ILE C 239 24.37 18.49 -8.62
N SER C 240 25.48 19.00 -9.23
CA SER C 240 25.45 19.47 -10.62
C SER C 240 25.00 18.36 -11.59
N LYS C 241 25.51 17.14 -11.44
CA LYS C 241 25.13 16.00 -12.30
C LYS C 241 23.67 15.60 -11.98
N VAL C 242 23.25 15.65 -10.69
CA VAL C 242 21.86 15.33 -10.31
C VAL C 242 20.91 16.33 -11.00
N MET C 243 21.25 17.63 -10.94
CA MET C 243 20.43 18.68 -11.57
C MET C 243 20.31 18.48 -13.09
N GLU C 244 21.43 18.15 -13.74
CA GLU C 244 21.47 17.91 -15.19
C GLU C 244 20.59 16.72 -15.59
N MET C 245 20.77 15.57 -14.92
CA MET C 245 20.05 14.33 -15.22
C MET C 245 18.59 14.33 -14.77
N TYR C 246 18.34 14.83 -13.57
CA TYR C 246 17.01 14.81 -12.98
C TYR C 246 16.07 15.96 -13.33
N GLN C 247 16.63 17.16 -13.55
CA GLN C 247 15.89 18.38 -13.90
C GLN C 247 14.67 18.60 -12.99
N PRO C 248 14.89 18.73 -11.66
CA PRO C 248 13.74 18.91 -10.75
C PRO C 248 13.16 20.32 -10.86
N SER C 249 11.90 20.50 -10.45
CA SER C 249 11.31 21.83 -10.47
C SER C 249 11.24 22.46 -9.08
N ALA C 250 11.58 21.69 -8.01
CA ALA C 250 11.63 22.19 -6.63
C ALA C 250 12.68 21.40 -5.87
N VAL C 251 13.25 22.01 -4.81
CA VAL C 251 14.31 21.37 -4.02
C VAL C 251 14.01 21.53 -2.56
N VAL C 252 14.29 20.47 -1.78
CA VAL C 252 14.18 20.46 -0.32
C VAL C 252 15.59 20.14 0.19
N LEU C 253 16.15 21.07 0.96
CA LEU C 253 17.51 20.91 1.49
C LEU C 253 17.46 20.82 2.99
N GLN C 254 17.77 19.63 3.53
CA GLN C 254 17.84 19.39 4.97
C GLN C 254 19.25 19.84 5.41
N CYS C 255 19.34 20.85 6.31
CA CYS C 255 20.62 21.46 6.70
C CYS C 255 21.08 21.07 8.09
N GLY C 256 20.87 19.80 8.48
CA GLY C 256 21.30 19.27 9.78
C GLY C 256 22.72 19.71 10.04
N ALA C 257 22.91 20.38 11.19
CA ALA C 257 24.17 21.01 11.59
C ALA C 257 25.12 20.12 12.38
N ASP C 258 24.77 18.84 12.56
CA ASP C 258 25.63 17.87 13.25
C ASP C 258 26.78 17.37 12.36
N SER C 259 26.85 17.85 11.10
CA SER C 259 27.97 17.57 10.19
C SER C 259 29.11 18.62 10.42
N LEU C 260 28.92 19.54 11.41
CA LEU C 260 29.92 20.54 11.75
C LEU C 260 30.99 19.98 12.67
N SER C 261 32.22 20.52 12.55
CA SER C 261 33.31 20.18 13.46
C SER C 261 32.84 20.53 14.89
N GLY C 262 33.22 19.72 15.86
CA GLY C 262 32.88 19.97 17.26
C GLY C 262 31.47 19.58 17.66
N ASP C 263 30.71 18.91 16.75
CA ASP C 263 29.36 18.49 17.13
C ASP C 263 29.42 17.43 18.22
N ARG C 264 28.54 17.55 19.23
CA ARG C 264 28.47 16.62 20.37
C ARG C 264 28.32 15.18 19.94
N LEU C 265 27.53 14.94 18.88
CA LEU C 265 27.26 13.59 18.38
C LEU C 265 28.00 13.25 17.09
N GLY C 266 28.24 14.24 16.26
CA GLY C 266 28.90 14.04 14.97
C GLY C 266 30.39 13.81 15.02
N CYS C 267 30.96 13.32 13.88
CA CYS C 267 32.37 13.00 13.74
C CYS C 267 32.95 13.60 12.43
N PHE C 268 32.28 14.63 11.88
CA PHE C 268 32.72 15.32 10.66
C PHE C 268 33.52 16.58 11.07
N ASN C 269 34.18 17.26 10.10
CA ASN C 269 35.03 18.41 10.40
C ASN C 269 34.75 19.60 9.48
N LEU C 270 33.47 19.88 9.22
CA LEU C 270 33.10 21.01 8.37
C LEU C 270 33.05 22.30 9.19
N THR C 271 33.27 23.45 8.54
CA THR C 271 33.11 24.71 9.23
C THR C 271 31.73 25.20 8.82
N VAL C 272 31.28 26.32 9.40
CA VAL C 272 30.00 26.91 9.03
C VAL C 272 30.05 27.30 7.53
N LYS C 273 31.22 27.80 7.04
CA LYS C 273 31.38 28.19 5.64
C LYS C 273 31.29 26.99 4.70
N GLY C 274 31.87 25.87 5.11
CA GLY C 274 31.89 24.64 4.34
C GLY C 274 30.50 24.04 4.25
N HIS C 275 29.73 24.13 5.36
CA HIS C 275 28.37 23.64 5.43
C HIS C 275 27.47 24.54 4.55
N ALA C 276 27.58 25.89 4.70
CA ALA C 276 26.79 26.87 3.92
C ALA C 276 27.08 26.88 2.41
N LYS C 277 28.28 26.42 1.99
CA LYS C 277 28.64 26.29 0.59
C LYS C 277 27.61 25.39 -0.13
N CYS C 278 27.01 24.41 0.58
CA CYS C 278 25.96 23.53 0.05
C CYS C 278 24.72 24.35 -0.31
N VAL C 279 24.34 25.30 0.56
CA VAL C 279 23.21 26.21 0.31
C VAL C 279 23.54 27.08 -0.91
N GLU C 280 24.79 27.62 -0.99
CA GLU C 280 25.21 28.47 -2.12
C GLU C 280 25.10 27.70 -3.44
N VAL C 281 25.62 26.47 -3.47
CA VAL C 281 25.59 25.59 -4.65
C VAL C 281 24.17 25.34 -5.11
N VAL C 282 23.27 24.94 -4.18
CA VAL C 282 21.87 24.65 -4.51
C VAL C 282 21.18 25.90 -5.07
N LYS C 283 21.40 27.05 -4.42
CA LYS C 283 20.86 28.35 -4.86
C LYS C 283 21.19 28.70 -6.33
N THR C 284 22.42 28.34 -6.83
CA THR C 284 22.82 28.64 -8.23
C THR C 284 21.86 28.11 -9.29
N PHE C 285 21.11 27.04 -8.97
CA PHE C 285 20.17 26.43 -9.92
C PHE C 285 18.84 27.17 -10.11
N ASN C 286 18.58 28.19 -9.28
CA ASN C 286 17.41 29.07 -9.37
C ASN C 286 16.08 28.33 -9.34
N LEU C 287 15.98 27.35 -8.42
CA LEU C 287 14.76 26.56 -8.27
C LEU C 287 14.08 26.86 -6.94
N PRO C 288 12.72 26.81 -6.88
CA PRO C 288 12.02 27.00 -5.60
C PRO C 288 12.65 26.07 -4.55
N LEU C 289 12.99 26.65 -3.40
CA LEU C 289 13.78 25.94 -2.41
C LEU C 289 13.25 25.98 -1.02
N LEU C 290 13.14 24.79 -0.38
CA LEU C 290 12.70 24.66 1.00
C LEU C 290 13.91 24.25 1.83
N MET C 291 14.34 25.13 2.76
CA MET C 291 15.50 24.87 3.60
C MET C 291 15.02 24.48 4.98
N LEU C 292 15.47 23.33 5.47
CA LEU C 292 15.02 22.78 6.76
C LEU C 292 16.17 22.53 7.69
N GLY C 293 15.85 22.41 8.98
CA GLY C 293 16.81 22.10 10.03
C GLY C 293 17.12 20.62 10.07
N GLY C 294 17.34 20.09 11.27
CA GLY C 294 17.67 18.68 11.47
C GLY C 294 18.49 18.50 12.72
N GLY C 295 19.47 17.63 12.68
CA GLY C 295 20.37 17.41 13.81
C GLY C 295 21.24 18.62 14.08
N GLY C 296 22.07 18.55 15.11
CA GLY C 296 22.92 19.66 15.49
C GLY C 296 22.86 19.75 16.99
N TYR C 297 23.96 19.39 17.66
CA TYR C 297 23.99 19.21 19.11
C TYR C 297 24.91 20.11 19.92
N THR C 298 25.79 20.86 19.24
CA THR C 298 26.64 21.89 19.86
C THR C 298 25.85 23.15 19.48
N ILE C 299 24.92 23.52 20.36
CA ILE C 299 23.92 24.55 20.10
C ILE C 299 24.42 25.91 19.70
N ARG C 300 25.58 26.37 20.24
CA ARG C 300 26.14 27.65 19.80
C ARG C 300 26.52 27.60 18.30
N ASN C 301 27.05 26.45 17.82
CA ASN C 301 27.42 26.21 16.41
C ASN C 301 26.19 25.98 15.52
N VAL C 302 25.10 25.46 16.08
CA VAL C 302 23.83 25.30 15.35
C VAL C 302 23.28 26.69 15.02
N ALA C 303 23.24 27.60 16.03
CA ALA C 303 22.74 28.96 15.85
C ALA C 303 23.61 29.72 14.86
N ARG C 304 24.94 29.53 14.91
CA ARG C 304 25.85 30.19 13.95
C ARG C 304 25.57 29.69 12.53
N CYS C 305 25.47 28.35 12.37
CA CYS C 305 25.25 27.70 11.07
C CYS C 305 23.96 28.18 10.39
N TRP C 306 22.83 28.10 11.10
CA TRP C 306 21.53 28.46 10.55
C TRP C 306 21.34 29.97 10.36
N THR C 307 22.01 30.78 11.18
CA THR C 307 21.99 32.25 10.98
C THR C 307 22.69 32.55 9.66
N TYR C 308 23.90 32.00 9.49
CA TYR C 308 24.70 32.22 8.27
C TYR C 308 24.00 31.68 7.04
N GLU C 309 23.34 30.51 7.16
CA GLU C 309 22.59 29.93 6.05
C GLU C 309 21.36 30.75 5.68
N THR C 310 20.78 31.47 6.66
CA THR C 310 19.66 32.38 6.39
C THR C 310 20.23 33.61 5.64
N ALA C 311 21.41 34.07 6.06
CA ALA C 311 22.09 35.20 5.41
C ALA C 311 22.45 34.82 3.97
N VAL C 312 22.88 33.55 3.76
CA VAL C 312 23.19 33.02 2.43
C VAL C 312 21.91 33.04 1.55
N ALA C 313 20.77 32.53 2.09
CA ALA C 313 19.49 32.55 1.38
C ALA C 313 19.14 33.97 0.89
N LEU C 314 19.38 34.96 1.76
CA LEU C 314 19.09 36.38 1.49
C LEU C 314 20.19 37.07 0.66
N ASP C 315 21.30 36.35 0.35
CA ASP C 315 22.48 36.91 -0.36
C ASP C 315 22.96 38.18 0.38
N CYS C 316 23.03 38.05 1.70
CA CYS C 316 23.37 39.13 2.61
C CYS C 316 24.64 38.77 3.36
N GLU C 317 25.71 39.54 3.13
CA GLU C 317 26.93 39.25 3.85
C GLU C 317 26.82 39.86 5.25
N ILE C 318 27.13 39.05 6.26
CA ILE C 318 27.01 39.52 7.65
C ILE C 318 28.37 39.54 8.34
N PRO C 319 28.63 40.52 9.24
CA PRO C 319 29.94 40.56 9.93
C PRO C 319 30.27 39.29 10.71
N ASN C 320 31.57 38.99 10.84
CA ASN C 320 32.05 37.85 11.60
C ASN C 320 31.91 38.13 13.09
N GLU C 321 31.83 39.41 13.48
CA GLU C 321 31.66 39.83 14.86
C GLU C 321 30.20 39.66 15.17
N LEU C 322 29.90 38.78 16.12
CA LEU C 322 28.50 38.53 16.48
C LEU C 322 27.86 39.78 17.09
N PRO C 323 26.62 40.14 16.71
CA PRO C 323 25.97 41.28 17.37
C PRO C 323 25.59 40.86 18.78
N TYR C 324 25.22 41.83 19.64
CA TYR C 324 24.79 41.49 20.98
C TYR C 324 23.45 40.78 20.84
N ASN C 325 23.18 39.75 21.66
CA ASN C 325 21.93 39.00 21.59
C ASN C 325 21.57 38.40 22.96
N ASP C 326 20.33 37.88 23.11
CA ASP C 326 19.86 37.26 24.37
C ASP C 326 20.73 36.11 24.84
N TYR C 327 21.55 35.53 23.95
CA TYR C 327 22.38 34.38 24.30
C TYR C 327 23.87 34.61 24.07
N PHE C 328 24.28 35.89 24.06
CA PHE C 328 25.67 36.31 23.78
C PHE C 328 26.76 35.49 24.44
N GLU C 329 26.62 35.20 25.74
CA GLU C 329 27.61 34.43 26.50
C GLU C 329 27.82 32.98 26.01
N TYR C 330 26.80 32.38 25.33
CA TYR C 330 26.89 31.00 24.78
C TYR C 330 27.94 30.95 23.66
N PHE C 331 28.26 32.11 23.07
CA PHE C 331 29.17 32.24 21.94
C PHE C 331 30.65 32.55 22.29
N GLY C 332 30.96 32.55 23.58
CA GLY C 332 32.31 32.80 24.08
C GLY C 332 33.24 31.63 23.83
N PRO C 333 34.57 31.83 23.93
CA PRO C 333 35.28 33.05 24.32
C PRO C 333 35.64 34.02 23.18
N ASP C 334 35.44 33.60 21.91
CA ASP C 334 35.75 34.38 20.69
C ASP C 334 34.65 35.36 20.28
N PHE C 335 33.37 34.99 20.47
CA PHE C 335 32.20 35.80 20.06
C PHE C 335 32.14 36.09 18.54
N LYS C 336 32.57 35.10 17.74
CA LYS C 336 32.56 35.22 16.28
C LYS C 336 31.51 34.29 15.69
N LEU C 337 31.08 34.57 14.46
CA LEU C 337 30.11 33.78 13.71
C LEU C 337 30.73 32.51 13.17
N HIS C 338 31.91 32.63 12.55
CA HIS C 338 32.60 31.51 11.91
C HIS C 338 33.38 30.66 12.85
N ILE C 339 33.58 29.39 12.49
CA ILE C 339 34.27 28.42 13.34
C ILE C 339 35.49 27.85 12.66
N SER C 340 36.43 27.37 13.45
CA SER C 340 37.63 26.79 12.87
C SER C 340 37.54 25.26 12.90
N PRO C 341 38.12 24.55 11.91
CA PRO C 341 38.08 23.09 11.97
C PRO C 341 39.03 22.58 13.05
N SER C 342 38.91 21.30 13.39
CA SER C 342 39.80 20.70 14.37
C SER C 342 40.94 20.01 13.62
N ASN C 343 41.86 19.39 14.35
CA ASN C 343 43.01 18.68 13.78
C ASN C 343 42.70 17.19 13.54
N MET C 344 41.41 16.77 13.74
CA MET C 344 41.01 15.38 13.54
C MET C 344 41.38 14.90 12.13
N THR C 345 41.76 13.63 12.02
CA THR C 345 42.17 12.99 10.77
C THR C 345 40.98 12.80 9.82
N ASN C 346 41.16 13.15 8.54
CA ASN C 346 40.15 12.90 7.52
C ASN C 346 40.35 11.45 7.10
N GLN C 347 39.44 10.54 7.53
CA GLN C 347 39.55 9.10 7.20
C GLN C 347 39.08 8.79 5.77
N ASN C 348 38.56 9.78 5.06
CA ASN C 348 38.10 9.60 3.69
C ASN C 348 39.32 9.81 2.79
N THR C 349 39.96 8.73 2.34
CA THR C 349 41.14 8.86 1.48
C THR C 349 40.69 9.36 0.08
N PRO C 350 41.58 10.01 -0.72
CA PRO C 350 41.19 10.40 -2.09
C PRO C 350 40.69 9.22 -2.94
N GLU C 351 41.31 8.02 -2.79
CA GLU C 351 40.91 6.83 -3.55
C GLU C 351 39.44 6.42 -3.19
N TYR C 352 39.12 6.40 -1.89
CA TYR C 352 37.80 6.05 -1.36
C TYR C 352 36.76 7.01 -1.94
N MET C 353 37.04 8.31 -1.87
CA MET C 353 36.19 9.38 -2.37
C MET C 353 35.95 9.29 -3.87
N GLU C 354 37.02 8.98 -4.64
CA GLU C 354 36.94 8.83 -6.10
C GLU C 354 36.10 7.63 -6.51
N LYS C 355 36.28 6.48 -5.83
CA LYS C 355 35.51 5.26 -6.14
C LYS C 355 33.99 5.51 -5.93
N ILE C 356 33.62 6.18 -4.83
CA ILE C 356 32.19 6.47 -4.55
C ILE C 356 31.64 7.41 -5.60
N LYS C 357 32.35 8.51 -5.88
CA LYS C 357 31.95 9.49 -6.88
C LYS C 357 31.75 8.85 -8.25
N GLN C 358 32.68 7.95 -8.64
CA GLN C 358 32.64 7.24 -9.93
C GLN C 358 31.34 6.45 -10.00
N ARG C 359 31.05 5.64 -8.98
CA ARG C 359 29.83 4.85 -8.88
C ARG C 359 28.55 5.68 -8.97
N LEU C 360 28.47 6.83 -8.23
CA LEU C 360 27.26 7.67 -8.28
C LEU C 360 27.07 8.25 -9.66
N PHE C 361 28.16 8.69 -10.30
CA PHE C 361 28.09 9.22 -11.67
C PHE C 361 27.56 8.16 -12.63
N GLU C 362 27.99 6.90 -12.48
CA GLU C 362 27.54 5.75 -13.27
C GLU C 362 26.05 5.52 -13.02
N ASN C 363 25.59 5.61 -11.75
CA ASN C 363 24.17 5.45 -11.41
C ASN C 363 23.34 6.58 -11.99
N LEU C 364 23.87 7.82 -11.97
CA LEU C 364 23.15 8.98 -12.51
C LEU C 364 22.96 8.91 -14.02
N ARG C 365 23.89 8.26 -14.73
CA ARG C 365 23.83 8.05 -16.19
C ARG C 365 22.70 7.09 -16.58
N MET C 366 22.11 6.39 -15.58
CA MET C 366 21.01 5.43 -15.80
C MET C 366 19.63 6.09 -15.89
N LEU C 367 19.53 7.38 -15.51
CA LEU C 367 18.29 8.16 -15.54
C LEU C 367 17.56 8.28 -16.91
N PRO C 368 18.23 8.49 -18.09
CA PRO C 368 17.46 8.51 -19.35
C PRO C 368 17.02 7.09 -19.78
N HIS C 369 17.64 6.05 -19.21
CA HIS C 369 17.34 4.65 -19.50
C HIS C 369 16.40 4.08 -18.45
#